data_3SQP
#
_entry.id   3SQP
#
_cell.length_a   62.080
_cell.length_b   67.370
_cell.length_c   78.860
_cell.angle_alpha   68.98
_cell.angle_beta   66.81
_cell.angle_gamma   62.54
#
_symmetry.space_group_name_H-M   'P 1'
#
loop_
_entity.id
_entity.type
_entity.pdbx_description
1 polymer 'Glutathione reductase, mitochondrial'
2 non-polymer 'FLAVIN-ADENINE DINUCLEOTIDE'
3 non-polymer 'SULFATE ION'
4 non-polymer 5-methylphenazin-1(5H)-one
5 non-polymer GLYCEROL
6 water water
#
_entity_poly.entity_id   1
_entity_poly.type   'polypeptide(L)'
_entity_poly.pdbx_seq_one_letter_code
;ACRQEPQPQGPPPAAGAVASYDYLVIGGGSGGLASARRAAELGARAAVVESHKLGGTCVNVGCVPKKVMWNTAVHSEFMH
DHADYGFPSCEGKFNWRVIKEKRDAYVSRLNAIYQNNLTKSHIEIIRGHAAFTSDPKPTIEVSGKKYTAPHILIATGGMP
STPHESQIPGASLGITSDGFFQLEELPGRSVIVGAGYIAVEMAGILSALGSKTSLMIRHDKVLRSFDSMISTNCTEELEN
AGVEVLKFSQVKEVKKTLSGLEVSMVTAVPGRLPVMTMIPDVDCLLWAIGRVPNTKDLSLNKLGIQTDDKGHIIVDEFQN
TNVKGIYAVGDVCGKALLTPVAIAAGRKLAHRLFEYKEDSKLDYNNIPTVVFSHPPIGTVGLTEDEAIHKYGIENVKTYS
TSFTPMYHAVTKRKTKCVMKMVCANKEEKVVGIHMQGLGCDEMLQGFAVAVKMGATKADFDNTVAIHPTSSEELVTLR
;
_entity_poly.pdbx_strand_id   A,B
#
loop_
_chem_comp.id
_chem_comp.type
_chem_comp.name
_chem_comp.formula
3J8 non-polymer 5-methylphenazin-1(5H)-one 'C13 H10 N2 O'
FAD non-polymer 'FLAVIN-ADENINE DINUCLEOTIDE' 'C27 H33 N9 O15 P2'
GOL non-polymer GLYCEROL 'C3 H8 O3'
SO4 non-polymer 'SULFATE ION' 'O4 S -2'
#
# COMPACT_ATOMS: atom_id res chain seq x y z
N VAL A 18 -3.42 -34.47 39.00
CA VAL A 18 -3.73 -33.35 38.12
C VAL A 18 -2.54 -32.39 37.98
N ALA A 19 -2.01 -32.28 36.78
CA ALA A 19 -0.93 -31.33 36.50
C ALA A 19 -1.44 -29.89 36.53
N SER A 20 -0.74 -29.05 37.27
CA SER A 20 -1.15 -27.66 37.43
C SER A 20 -0.19 -26.69 36.73
N TYR A 21 -0.75 -25.67 36.08
CA TYR A 21 0.03 -24.62 35.42
C TYR A 21 -0.48 -23.25 35.85
N ASP A 22 0.23 -22.20 35.46
CA ASP A 22 -0.26 -20.84 35.64
C ASP A 22 -1.34 -20.52 34.61
N TYR A 23 -1.21 -21.12 33.43
CA TYR A 23 -2.03 -20.73 32.31
C TYR A 23 -2.29 -21.93 31.43
N LEU A 24 -3.55 -22.30 31.30
CA LEU A 24 -3.96 -23.33 30.37
C LEU A 24 -4.73 -22.69 29.23
N VAL A 25 -4.26 -22.94 28.01
CA VAL A 25 -4.86 -22.31 26.85
C VAL A 25 -5.46 -23.35 25.92
N ILE A 26 -6.76 -23.28 25.72
CA ILE A 26 -7.42 -24.26 24.88
C ILE A 26 -7.55 -23.71 23.46
N GLY A 27 -6.81 -24.31 22.54
CA GLY A 27 -6.74 -23.86 21.16
C GLY A 27 -5.38 -23.27 20.83
N GLY A 28 -4.69 -23.88 19.86
CA GLY A 28 -3.40 -23.36 19.40
C GLY A 28 -3.52 -22.58 18.10
N GLY A 29 -4.51 -21.69 18.05
CA GLY A 29 -4.71 -20.83 16.90
C GLY A 29 -4.18 -19.44 17.20
N SER A 30 -4.63 -18.46 16.40
CA SER A 30 -4.17 -17.08 16.53
C SER A 30 -4.20 -16.57 17.97
N GLY A 31 -5.37 -16.59 18.60
CA GLY A 31 -5.52 -16.05 19.94
C GLY A 31 -4.79 -16.87 21.00
N GLY A 32 -4.93 -18.19 20.95
CA GLY A 32 -4.29 -19.06 21.91
C GLY A 32 -2.77 -18.97 21.90
N LEU A 33 -2.17 -19.10 20.72
CA LEU A 33 -0.72 -19.06 20.61
C LEU A 33 -0.19 -17.72 21.13
N ALA A 34 -0.79 -16.63 20.66
CA ALA A 34 -0.33 -15.29 21.02
C ALA A 34 -0.40 -15.08 22.53
N SER A 35 -1.49 -15.53 23.15
CA SER A 35 -1.69 -15.31 24.56
C SER A 35 -0.73 -16.17 25.40
N ALA A 36 -0.60 -17.44 25.03
CA ALA A 36 0.31 -18.33 25.73
C ALA A 36 1.74 -17.82 25.62
N ARG A 37 2.13 -17.40 24.42
CA ARG A 37 3.49 -16.94 24.20
C ARG A 37 3.82 -15.70 25.03
N ARG A 38 2.87 -14.77 25.09
CA ARG A 38 3.07 -13.54 25.87
C ARG A 38 3.07 -13.86 27.37
N ALA A 39 2.16 -14.73 27.80
CA ALA A 39 2.14 -15.17 29.20
C ALA A 39 3.51 -15.74 29.55
N ALA A 40 4.02 -16.63 28.71
CA ALA A 40 5.29 -17.29 28.98
C ALA A 40 6.42 -16.28 29.13
N GLU A 41 6.39 -15.23 28.30
CA GLU A 41 7.38 -14.16 28.40
C GLU A 41 7.36 -13.50 29.76
N LEU A 42 6.17 -13.42 30.35
CA LEU A 42 6.00 -12.81 31.66
C LEU A 42 6.30 -13.82 32.78
N GLY A 43 6.68 -15.04 32.41
CA GLY A 43 7.14 -16.01 33.38
C GLY A 43 6.17 -17.14 33.65
N ALA A 44 4.97 -17.05 33.08
CA ALA A 44 3.94 -18.06 33.32
C ALA A 44 4.38 -19.45 32.86
N ARG A 45 4.02 -20.45 33.65
CA ARG A 45 4.15 -21.84 33.27
C ARG A 45 2.88 -22.16 32.50
N ALA A 46 3.01 -22.28 31.19
CA ALA A 46 1.84 -22.38 30.32
C ALA A 46 1.81 -23.65 29.49
N ALA A 47 0.59 -24.08 29.16
CA ALA A 47 0.38 -25.20 28.27
C ALA A 47 -0.67 -24.82 27.23
N VAL A 48 -0.47 -25.30 26.00
CA VAL A 48 -1.45 -25.10 24.95
C VAL A 48 -2.05 -26.43 24.53
N VAL A 49 -3.36 -26.53 24.58
CA VAL A 49 -4.04 -27.71 24.06
C VAL A 49 -4.47 -27.51 22.61
N GLU A 50 -4.14 -28.48 21.76
CA GLU A 50 -4.52 -28.38 20.35
C GLU A 50 -4.88 -29.76 19.82
N SER A 51 -6.08 -29.88 19.27
CA SER A 51 -6.57 -31.17 18.81
C SER A 51 -6.13 -31.46 17.38
N HIS A 52 -5.73 -30.42 16.66
CA HIS A 52 -5.36 -30.57 15.26
C HIS A 52 -4.02 -29.90 14.96
N LYS A 53 -4.01 -28.95 14.05
CA LYS A 53 -2.76 -28.31 13.67
C LYS A 53 -2.56 -26.93 14.27
N LEU A 54 -1.37 -26.69 14.80
CA LEU A 54 -1.03 -25.38 15.34
C LEU A 54 -1.11 -24.31 14.26
N GLY A 55 -1.54 -23.12 14.65
CA GLY A 55 -1.79 -22.06 13.70
C GLY A 55 -3.28 -21.88 13.49
N GLY A 56 -4.04 -22.90 13.83
CA GLY A 56 -5.50 -22.82 13.78
C GLY A 56 -6.05 -22.46 12.41
N THR A 57 -7.18 -21.78 12.41
CA THR A 57 -7.88 -21.48 11.16
C THR A 57 -7.04 -20.64 10.19
N CYS A 58 -6.51 -19.53 10.67
CA CYS A 58 -5.75 -18.63 9.81
C CYS A 58 -4.64 -19.33 9.03
N VAL A 59 -3.76 -20.03 9.73
CA VAL A 59 -2.64 -20.69 9.06
C VAL A 59 -3.10 -21.81 8.14
N ASN A 60 -4.06 -22.60 8.59
CA ASN A 60 -4.39 -23.84 7.91
C ASN A 60 -5.48 -23.76 6.84
N VAL A 61 -6.53 -23.02 7.13
CA VAL A 61 -7.68 -22.92 6.23
C VAL A 61 -8.25 -21.51 6.20
N GLY A 62 -7.38 -20.51 6.37
CA GLY A 62 -7.83 -19.15 6.48
C GLY A 62 -6.92 -18.14 5.80
N CYS A 63 -6.59 -17.09 6.54
CA CYS A 63 -5.78 -15.98 6.04
C CYS A 63 -4.64 -16.40 5.09
N VAL A 64 -3.77 -17.29 5.56
CA VAL A 64 -2.54 -17.58 4.81
C VAL A 64 -2.80 -18.24 3.46
N PRO A 65 -3.44 -19.41 3.47
CA PRO A 65 -3.74 -20.07 2.20
C PRO A 65 -4.66 -19.21 1.32
N LYS A 66 -5.57 -18.46 1.94
CA LYS A 66 -6.44 -17.55 1.18
C LYS A 66 -5.60 -16.53 0.42
N LYS A 67 -4.63 -15.92 1.12
CA LYS A 67 -3.79 -14.88 0.53
C LYS A 67 -2.93 -15.43 -0.62
N VAL A 68 -2.40 -16.64 -0.44
CA VAL A 68 -1.64 -17.27 -1.51
C VAL A 68 -2.52 -17.43 -2.74
N MET A 69 -3.75 -17.91 -2.53
CA MET A 69 -4.68 -18.07 -3.63
C MET A 69 -5.05 -16.70 -4.22
N TRP A 70 -5.19 -15.68 -3.38
CA TRP A 70 -5.46 -14.34 -3.89
C TRP A 70 -4.32 -13.85 -4.76
N ASN A 71 -3.08 -14.05 -4.30
CA ASN A 71 -1.91 -13.64 -5.05
C ASN A 71 -1.90 -14.32 -6.42
N THR A 72 -2.34 -15.57 -6.44
CA THR A 72 -2.42 -16.33 -7.68
C THR A 72 -3.45 -15.70 -8.61
N ALA A 73 -4.61 -15.39 -8.04
CA ALA A 73 -5.67 -14.77 -8.78
C ALA A 73 -5.23 -13.41 -9.29
N VAL A 74 -4.43 -12.70 -8.49
CA VAL A 74 -3.95 -11.39 -8.88
C VAL A 74 -3.05 -11.47 -10.12
N HIS A 75 -2.18 -12.47 -10.15
CA HIS A 75 -1.38 -12.77 -11.35
C HIS A 75 -2.27 -12.93 -12.57
N SER A 76 -3.33 -13.72 -12.43
CA SER A 76 -4.22 -13.99 -13.54
C SER A 76 -4.84 -12.68 -14.03
N GLU A 77 -5.25 -11.82 -13.10
CA GLU A 77 -5.87 -10.54 -13.46
C GLU A 77 -4.90 -9.64 -14.23
N PHE A 78 -3.70 -9.48 -13.71
CA PHE A 78 -2.70 -8.61 -14.34
C PHE A 78 -2.25 -9.16 -15.69
N MET A 79 -2.25 -10.48 -15.83
CA MET A 79 -1.86 -11.12 -17.08
C MET A 79 -2.70 -10.65 -18.26
N HIS A 80 -3.95 -10.30 -18.01
CA HIS A 80 -4.82 -9.78 -19.07
C HIS A 80 -4.25 -8.49 -19.65
N ASP A 81 -3.39 -7.81 -18.88
CA ASP A 81 -2.85 -6.52 -19.28
C ASP A 81 -1.49 -6.60 -19.99
N HIS A 82 -0.96 -7.80 -20.15
CA HIS A 82 0.38 -7.95 -20.72
C HIS A 82 0.55 -7.25 -22.06
N ALA A 83 -0.35 -7.55 -22.99
CA ALA A 83 -0.25 -7.02 -24.34
C ALA A 83 -0.37 -5.50 -24.35
N ASP A 84 -1.23 -4.97 -23.48
CA ASP A 84 -1.37 -3.53 -23.34
C ASP A 84 -0.07 -2.87 -22.89
N TYR A 85 0.73 -3.61 -22.13
CA TYR A 85 1.99 -3.06 -21.62
C TYR A 85 3.17 -3.40 -22.53
N GLY A 86 2.89 -3.92 -23.70
CA GLY A 86 3.92 -4.20 -24.68
C GLY A 86 4.54 -5.57 -24.58
N PHE A 87 3.88 -6.46 -23.85
CA PHE A 87 4.39 -7.82 -23.68
C PHE A 87 3.59 -8.81 -24.52
N PRO A 88 4.22 -9.90 -24.95
CA PRO A 88 3.51 -10.95 -25.69
C PRO A 88 2.46 -11.60 -24.78
N SER A 89 1.36 -12.06 -25.36
CA SER A 89 0.32 -12.73 -24.58
C SER A 89 0.79 -14.10 -24.10
N CYS A 90 0.14 -14.62 -23.06
CA CYS A 90 0.57 -15.88 -22.46
C CYS A 90 -0.10 -17.13 -23.08
N GLU A 91 0.30 -18.30 -22.58
CA GLU A 91 0.11 -19.57 -23.29
C GLU A 91 -1.25 -20.27 -23.14
N GLY A 92 -2.00 -19.96 -22.09
CA GLY A 92 -3.30 -20.56 -21.91
C GLY A 92 -3.60 -21.16 -20.55
N LYS A 93 -3.09 -22.36 -20.29
CA LYS A 93 -3.58 -23.19 -19.18
C LYS A 93 -3.02 -22.87 -17.79
N PHE A 94 -3.86 -22.32 -16.91
CA PHE A 94 -3.51 -22.25 -15.50
C PHE A 94 -3.59 -23.65 -14.90
N ASN A 95 -2.65 -23.95 -14.00
CA ASN A 95 -2.61 -25.26 -13.38
C ASN A 95 -2.76 -25.17 -11.85
N TRP A 96 -4.00 -25.38 -11.39
CA TRP A 96 -4.34 -25.31 -9.98
C TRP A 96 -3.44 -26.18 -9.11
N ARG A 97 -3.14 -27.37 -9.60
CA ARG A 97 -2.37 -28.36 -8.83
C ARG A 97 -0.98 -27.83 -8.46
N VAL A 98 -0.40 -27.02 -9.32
CA VAL A 98 0.93 -26.48 -9.05
C VAL A 98 0.89 -25.57 -7.83
N ILE A 99 -0.06 -24.65 -7.80
CA ILE A 99 -0.13 -23.71 -6.68
C ILE A 99 -0.62 -24.40 -5.41
N LYS A 100 -1.54 -25.35 -5.56
CA LYS A 100 -2.03 -26.06 -4.38
C LYS A 100 -0.89 -26.74 -3.62
N GLU A 101 -0.03 -27.45 -4.34
CA GLU A 101 1.08 -28.16 -3.70
C GLU A 101 2.00 -27.20 -2.95
N LYS A 102 2.28 -26.05 -3.54
CA LYS A 102 3.19 -25.09 -2.93
C LYS A 102 2.53 -24.40 -1.75
N ARG A 103 1.23 -24.20 -1.86
CA ARG A 103 0.45 -23.61 -0.78
C ARG A 103 0.51 -24.55 0.41
N ASP A 104 0.20 -25.82 0.16
CA ASP A 104 0.26 -26.87 1.17
C ASP A 104 1.61 -26.90 1.88
N ALA A 105 2.69 -26.89 1.10
CA ALA A 105 4.04 -26.95 1.66
C ALA A 105 4.28 -25.76 2.56
N TYR A 106 3.80 -24.59 2.14
CA TYR A 106 4.00 -23.37 2.90
C TYR A 106 3.27 -23.46 4.24
N VAL A 107 2.05 -23.98 4.20
CA VAL A 107 1.30 -24.22 5.43
C VAL A 107 2.04 -25.19 6.36
N SER A 108 2.67 -26.21 5.79
CA SER A 108 3.46 -27.16 6.57
C SER A 108 4.67 -26.50 7.23
N ARG A 109 5.34 -25.63 6.50
CA ARG A 109 6.46 -24.87 7.06
C ARG A 109 5.97 -24.05 8.24
N LEU A 110 4.81 -23.42 8.08
CA LEU A 110 4.25 -22.59 9.13
C LEU A 110 3.89 -23.40 10.37
N ASN A 111 3.31 -24.58 10.18
CA ASN A 111 2.97 -25.45 11.32
C ASN A 111 4.23 -25.73 12.14
N ALA A 112 5.30 -26.13 11.44
CA ALA A 112 6.56 -26.47 12.09
C ALA A 112 7.11 -25.27 12.85
N ILE A 113 6.98 -24.09 12.25
CA ILE A 113 7.41 -22.86 12.90
C ILE A 113 6.66 -22.57 14.19
N TYR A 114 5.33 -22.74 14.17
CA TYR A 114 4.52 -22.43 15.35
C TYR A 114 4.70 -23.45 16.48
N GLN A 115 4.94 -24.70 16.10
CA GLN A 115 5.33 -25.72 17.06
C GLN A 115 6.63 -25.31 17.74
N ASN A 116 7.60 -24.90 16.94
CA ASN A 116 8.90 -24.50 17.47
C ASN A 116 8.81 -23.26 18.36
N ASN A 117 7.96 -22.31 17.97
CA ASN A 117 7.75 -21.11 18.78
C ASN A 117 7.30 -21.45 20.18
N LEU A 118 6.38 -22.41 20.27
CA LEU A 118 5.91 -22.86 21.57
C LEU A 118 7.04 -23.51 22.37
N THR A 119 7.74 -24.45 21.76
CA THR A 119 8.79 -25.19 22.47
C THR A 119 9.89 -24.24 22.96
N LYS A 120 10.33 -23.34 22.08
CA LYS A 120 11.39 -22.40 22.47
C LYS A 120 10.89 -21.43 23.55
N SER A 121 9.58 -21.27 23.64
CA SER A 121 8.97 -20.45 24.69
C SER A 121 8.79 -21.29 25.95
N HIS A 122 9.12 -22.58 25.84
CA HIS A 122 8.95 -23.51 26.95
C HIS A 122 7.48 -23.61 27.32
N ILE A 123 6.63 -23.59 26.30
CA ILE A 123 5.21 -23.81 26.48
C ILE A 123 4.93 -25.26 26.14
N GLU A 124 4.33 -25.98 27.06
CA GLU A 124 3.97 -27.37 26.82
C GLU A 124 2.87 -27.45 25.77
N ILE A 125 3.00 -28.40 24.85
CA ILE A 125 1.98 -28.65 23.85
C ILE A 125 1.21 -29.93 24.20
N ILE A 126 -0.07 -29.79 24.49
CA ILE A 126 -0.90 -30.94 24.81
C ILE A 126 -1.76 -31.28 23.60
N ARG A 127 -1.46 -32.43 22.98
CA ARG A 127 -2.17 -32.85 21.78
C ARG A 127 -3.46 -33.57 22.16
N GLY A 128 -4.58 -33.09 21.63
CA GLY A 128 -5.86 -33.73 21.87
C GLY A 128 -6.99 -32.74 22.01
N HIS A 129 -8.19 -33.26 22.22
CA HIS A 129 -9.37 -32.41 22.40
C HIS A 129 -9.63 -32.20 23.88
N ALA A 130 -9.66 -30.94 24.31
CA ALA A 130 -9.93 -30.62 25.71
C ALA A 130 -11.43 -30.47 25.94
N ALA A 131 -11.87 -30.88 27.11
CA ALA A 131 -13.18 -30.53 27.61
C ALA A 131 -13.08 -30.31 29.12
N PHE A 132 -13.87 -29.40 29.66
CA PHE A 132 -13.88 -29.14 31.08
C PHE A 132 -14.45 -30.32 31.85
N THR A 133 -14.10 -30.43 33.12
CA THR A 133 -14.67 -31.44 33.99
C THR A 133 -15.59 -30.76 34.97
N SER A 134 -16.30 -31.56 35.77
CA SER A 134 -17.21 -31.04 36.77
C SER A 134 -16.47 -30.66 38.05
N ASP A 135 -15.18 -30.98 38.11
CA ASP A 135 -14.35 -30.64 39.26
C ASP A 135 -14.60 -29.20 39.69
N PRO A 136 -14.69 -28.98 41.01
CA PRO A 136 -14.93 -27.64 41.57
C PRO A 136 -14.00 -26.61 40.94
N LYS A 137 -12.71 -26.68 41.21
CA LYS A 137 -11.77 -25.75 40.60
C LYS A 137 -11.57 -26.08 39.12
N PRO A 138 -11.67 -25.05 38.27
CA PRO A 138 -11.64 -25.19 36.81
C PRO A 138 -10.56 -26.16 36.35
N THR A 139 -10.99 -27.24 35.71
CA THR A 139 -10.11 -28.31 35.30
C THR A 139 -10.57 -28.87 33.97
N ILE A 140 -9.61 -29.19 33.10
CA ILE A 140 -9.92 -29.79 31.81
C ILE A 140 -9.34 -31.19 31.72
N GLU A 141 -9.88 -31.98 30.81
CA GLU A 141 -9.37 -33.31 30.55
C GLU A 141 -9.00 -33.43 29.08
N VAL A 142 -7.88 -34.06 28.81
CA VAL A 142 -7.48 -34.36 27.44
C VAL A 142 -6.95 -35.78 27.38
N SER A 143 -7.62 -36.62 26.62
CA SER A 143 -7.21 -38.01 26.47
C SER A 143 -7.07 -38.69 27.83
N GLY A 144 -8.05 -38.47 28.70
CA GLY A 144 -8.07 -39.10 30.02
C GLY A 144 -7.23 -38.43 31.08
N LYS A 145 -6.31 -37.54 30.69
CA LYS A 145 -5.50 -36.82 31.66
C LYS A 145 -6.11 -35.46 32.02
N LYS A 146 -5.97 -35.08 33.28
CA LYS A 146 -6.52 -33.82 33.75
C LYS A 146 -5.46 -32.74 33.88
N TYR A 147 -5.86 -31.49 33.64
CA TYR A 147 -4.97 -30.34 33.80
C TYR A 147 -5.77 -29.20 34.41
N THR A 148 -5.12 -28.41 35.26
CA THR A 148 -5.78 -27.28 35.91
C THR A 148 -4.86 -26.06 35.97
N ALA A 149 -5.46 -24.91 36.23
CA ALA A 149 -4.71 -23.68 36.38
C ALA A 149 -5.63 -22.63 36.98
N PRO A 150 -5.05 -21.63 37.65
CA PRO A 150 -5.84 -20.49 38.13
C PRO A 150 -6.39 -19.71 36.95
N HIS A 151 -5.79 -19.88 35.78
CA HIS A 151 -6.21 -19.15 34.58
C HIS A 151 -6.33 -20.06 33.38
N ILE A 152 -7.55 -20.17 32.86
CA ILE A 152 -7.81 -21.00 31.69
C ILE A 152 -8.42 -20.17 30.57
N LEU A 153 -7.72 -20.12 29.43
CA LEU A 153 -8.20 -19.38 28.29
C LEU A 153 -8.88 -20.32 27.29
N ILE A 154 -10.12 -20.00 26.93
CA ILE A 154 -10.79 -20.72 25.85
C ILE A 154 -10.57 -19.95 24.56
N ALA A 155 -9.84 -20.54 23.62
CA ALA A 155 -9.54 -19.90 22.35
C ALA A 155 -9.75 -20.89 21.21
N THR A 156 -10.91 -21.51 21.19
CA THR A 156 -11.16 -22.66 20.33
C THR A 156 -11.61 -22.27 18.92
N GLY A 157 -11.86 -20.98 18.70
CA GLY A 157 -12.24 -20.52 17.38
C GLY A 157 -13.60 -21.02 16.96
N GLY A 158 -13.83 -21.09 15.66
CA GLY A 158 -15.10 -21.54 15.13
C GLY A 158 -14.87 -22.40 13.90
N MET A 159 -15.91 -22.54 13.10
CA MET A 159 -15.84 -23.38 11.91
C MET A 159 -16.93 -22.93 10.94
N PRO A 160 -16.86 -23.40 9.69
CA PRO A 160 -17.84 -22.94 8.69
C PRO A 160 -19.25 -23.46 8.98
N SER A 161 -20.23 -22.59 8.75
CA SER A 161 -21.62 -22.99 8.89
C SER A 161 -22.12 -23.64 7.59
N THR A 162 -22.88 -24.73 7.74
CA THR A 162 -23.56 -25.35 6.61
C THR A 162 -25.04 -25.52 6.95
N PRO A 163 -25.91 -25.38 5.94
CA PRO A 163 -27.35 -25.54 6.21
C PRO A 163 -27.68 -26.97 6.59
N HIS A 164 -28.68 -27.16 7.45
CA HIS A 164 -29.15 -28.51 7.76
C HIS A 164 -29.89 -29.09 6.56
N GLU A 165 -29.76 -30.40 6.38
CA GLU A 165 -30.52 -31.10 5.36
C GLU A 165 -32.01 -30.82 5.50
N SER A 166 -32.47 -30.68 6.74
CA SER A 166 -33.89 -30.43 7.00
C SER A 166 -34.36 -29.15 6.35
N GLN A 167 -33.51 -28.13 6.33
CA GLN A 167 -33.86 -26.85 5.72
C GLN A 167 -33.60 -26.89 4.22
N ILE A 168 -32.43 -27.40 3.84
CA ILE A 168 -32.05 -27.46 2.43
C ILE A 168 -31.55 -28.86 2.09
N PRO A 169 -32.42 -29.65 1.47
CA PRO A 169 -32.04 -31.02 1.09
C PRO A 169 -30.84 -31.00 0.15
N GLY A 170 -29.81 -31.78 0.47
CA GLY A 170 -28.64 -31.88 -0.38
C GLY A 170 -27.53 -30.90 -0.04
N ALA A 171 -27.77 -30.03 0.94
CA ALA A 171 -26.79 -29.03 1.33
C ALA A 171 -25.42 -29.65 1.59
N SER A 172 -25.41 -30.86 2.12
CA SER A 172 -24.14 -31.53 2.49
C SER A 172 -23.33 -31.87 1.25
N LEU A 173 -23.93 -31.71 0.09
CA LEU A 173 -23.22 -31.88 -1.17
C LEU A 173 -22.34 -30.66 -1.46
N GLY A 174 -22.64 -29.54 -0.81
CA GLY A 174 -21.82 -28.35 -0.96
C GLY A 174 -20.63 -28.44 -0.04
N ILE A 175 -19.57 -27.69 -0.33
CA ILE A 175 -18.44 -27.59 0.58
C ILE A 175 -18.43 -26.23 1.23
N THR A 176 -17.41 -25.99 2.06
CA THR A 176 -17.20 -24.70 2.67
C THR A 176 -15.78 -24.28 2.36
N SER A 177 -15.34 -23.17 2.96
CA SER A 177 -13.98 -22.69 2.76
C SER A 177 -12.97 -23.75 3.17
N ASP A 178 -13.31 -24.55 4.19
CA ASP A 178 -12.50 -25.70 4.57
C ASP A 178 -12.25 -26.60 3.37
N GLY A 179 -13.33 -27.02 2.73
CA GLY A 179 -13.24 -27.86 1.53
C GLY A 179 -12.52 -27.15 0.41
N PHE A 180 -12.73 -25.85 0.29
CA PHE A 180 -12.04 -25.04 -0.71
C PHE A 180 -10.54 -25.33 -0.71
N PHE A 181 -9.97 -25.42 0.48
CA PHE A 181 -8.52 -25.61 0.59
C PHE A 181 -8.10 -27.07 0.46
N GLN A 182 -9.07 -27.95 0.22
CA GLN A 182 -8.80 -29.34 -0.12
C GLN A 182 -8.92 -29.56 -1.63
N LEU A 183 -9.51 -28.61 -2.34
CA LEU A 183 -9.68 -28.75 -3.79
C LEU A 183 -8.34 -29.04 -4.47
N GLU A 184 -8.33 -30.02 -5.37
CA GLU A 184 -7.12 -30.44 -6.06
C GLU A 184 -7.08 -29.93 -7.48
N GLU A 185 -8.23 -29.46 -7.95
CA GLU A 185 -8.38 -28.95 -9.31
C GLU A 185 -9.29 -27.74 -9.30
N LEU A 186 -9.19 -26.92 -10.34
CA LEU A 186 -10.10 -25.80 -10.52
C LEU A 186 -11.46 -26.32 -10.96
N PRO A 187 -12.51 -26.05 -10.18
CA PRO A 187 -13.87 -26.43 -10.58
C PRO A 187 -14.25 -25.71 -11.87
N GLY A 188 -14.82 -26.41 -12.84
CA GLY A 188 -15.22 -25.78 -14.08
C GLY A 188 -16.32 -24.74 -13.85
N ARG A 189 -17.22 -25.08 -12.94
CA ARG A 189 -18.37 -24.23 -12.68
C ARG A 189 -18.55 -24.13 -11.17
N SER A 190 -18.58 -22.91 -10.66
CA SER A 190 -18.64 -22.70 -9.22
C SER A 190 -19.81 -21.84 -8.83
N VAL A 191 -20.53 -22.27 -7.80
CA VAL A 191 -21.54 -21.42 -7.18
C VAL A 191 -21.16 -21.17 -5.73
N ILE A 192 -20.97 -19.90 -5.38
CA ILE A 192 -20.66 -19.51 -4.00
C ILE A 192 -21.91 -18.88 -3.39
N VAL A 193 -22.30 -19.37 -2.22
CA VAL A 193 -23.47 -18.82 -1.55
C VAL A 193 -23.05 -18.05 -0.31
N GLY A 194 -23.37 -16.77 -0.29
CA GLY A 194 -23.02 -15.91 0.83
C GLY A 194 -22.67 -14.53 0.31
N ALA A 195 -22.66 -13.55 1.19
CA ALA A 195 -22.47 -12.17 0.77
C ALA A 195 -21.40 -11.46 1.59
N GLY A 196 -20.79 -12.18 2.52
CA GLY A 196 -19.76 -11.62 3.38
C GLY A 196 -18.39 -11.71 2.75
N TYR A 197 -17.35 -11.31 3.48
CA TYR A 197 -16.03 -11.19 2.87
C TYR A 197 -15.46 -12.52 2.38
N ILE A 198 -15.73 -13.60 3.09
CA ILE A 198 -15.23 -14.90 2.66
C ILE A 198 -15.85 -15.33 1.33
N ALA A 199 -17.16 -15.15 1.21
CA ALA A 199 -17.85 -15.45 -0.03
C ALA A 199 -17.25 -14.65 -1.19
N VAL A 200 -17.08 -13.35 -0.96
CA VAL A 200 -16.55 -12.46 -1.99
C VAL A 200 -15.15 -12.87 -2.42
N GLU A 201 -14.30 -13.20 -1.45
CA GLU A 201 -12.93 -13.58 -1.72
C GLU A 201 -12.86 -14.87 -2.52
N MET A 202 -13.67 -15.84 -2.11
CA MET A 202 -13.75 -17.13 -2.77
C MET A 202 -14.20 -16.98 -4.22
N ALA A 203 -15.30 -16.26 -4.43
CA ALA A 203 -15.84 -16.07 -5.77
C ALA A 203 -14.82 -15.36 -6.65
N GLY A 204 -14.20 -14.32 -6.10
CA GLY A 204 -13.21 -13.55 -6.84
C GLY A 204 -12.03 -14.38 -7.27
N ILE A 205 -11.56 -15.25 -6.37
CA ILE A 205 -10.43 -16.13 -6.68
C ILE A 205 -10.77 -17.18 -7.73
N LEU A 206 -11.88 -17.88 -7.52
CA LEU A 206 -12.30 -18.93 -8.45
C LEU A 206 -12.55 -18.36 -9.84
N SER A 207 -13.17 -17.19 -9.90
CA SER A 207 -13.50 -16.57 -11.17
C SER A 207 -12.23 -16.10 -11.90
N ALA A 208 -11.34 -15.41 -11.19
CA ALA A 208 -10.08 -14.94 -11.79
C ALA A 208 -9.29 -16.10 -12.36
N LEU A 209 -9.35 -17.25 -11.70
CA LEU A 209 -8.57 -18.41 -12.11
C LEU A 209 -9.25 -19.22 -13.21
N GLY A 210 -10.43 -18.80 -13.65
CA GLY A 210 -11.06 -19.42 -14.80
C GLY A 210 -12.33 -20.21 -14.54
N SER A 211 -12.74 -20.33 -13.29
CA SER A 211 -14.02 -20.98 -13.00
C SER A 211 -15.18 -20.10 -13.43
N LYS A 212 -16.18 -20.73 -14.03
CA LYS A 212 -17.40 -20.04 -14.38
C LYS A 212 -18.17 -19.85 -13.09
N THR A 213 -18.16 -18.63 -12.57
CA THR A 213 -18.53 -18.42 -11.18
C THR A 213 -19.79 -17.60 -10.97
N SER A 214 -20.65 -18.08 -10.08
CA SER A 214 -21.79 -17.33 -9.60
C SER A 214 -21.63 -17.09 -8.10
N LEU A 215 -22.10 -15.93 -7.63
CA LEU A 215 -22.13 -15.63 -6.22
C LEU A 215 -23.58 -15.36 -5.85
N MET A 216 -24.16 -16.18 -4.97
CA MET A 216 -25.57 -16.06 -4.67
C MET A 216 -25.79 -15.33 -3.34
N ILE A 217 -26.49 -14.21 -3.41
CA ILE A 217 -26.69 -13.35 -2.25
C ILE A 217 -28.17 -13.13 -1.97
N ARG A 218 -28.49 -12.88 -0.71
CA ARG A 218 -29.89 -12.80 -0.28
C ARG A 218 -30.56 -11.49 -0.68
N HIS A 219 -29.75 -10.46 -0.90
CA HIS A 219 -30.27 -9.15 -1.28
C HIS A 219 -29.66 -8.66 -2.58
N ASP A 220 -29.42 -7.35 -2.68
CA ASP A 220 -28.94 -6.76 -3.94
C ASP A 220 -27.43 -6.54 -4.01
N LYS A 221 -26.76 -6.51 -2.87
CA LYS A 221 -25.33 -6.22 -2.85
C LYS A 221 -24.62 -7.10 -1.85
N VAL A 222 -23.29 -7.22 -2.03
CA VAL A 222 -22.46 -7.93 -1.08
C VAL A 222 -21.99 -6.98 0.00
N LEU A 223 -21.47 -7.53 1.10
CA LEU A 223 -20.82 -6.74 2.13
C LEU A 223 -21.72 -5.65 2.68
N ARG A 224 -22.98 -6.00 2.91
CA ARG A 224 -23.97 -5.01 3.34
C ARG A 224 -23.68 -4.38 4.72
N SER A 225 -22.81 -5.01 5.50
CA SER A 225 -22.42 -4.41 6.78
C SER A 225 -21.34 -3.33 6.59
N PHE A 226 -20.71 -3.30 5.43
CA PHE A 226 -19.68 -2.30 5.14
C PHE A 226 -20.33 -0.98 4.74
N ASP A 227 -19.53 0.08 4.60
CA ASP A 227 -20.06 1.35 4.11
C ASP A 227 -20.77 1.13 2.77
N SER A 228 -21.87 1.84 2.55
CA SER A 228 -22.66 1.64 1.34
C SER A 228 -21.87 1.84 0.05
N MET A 229 -20.89 2.75 0.08
CA MET A 229 -20.04 2.95 -1.09
C MET A 229 -19.29 1.67 -1.44
N ILE A 230 -18.79 0.99 -0.41
CA ILE A 230 -18.03 -0.23 -0.61
C ILE A 230 -18.96 -1.36 -1.06
N SER A 231 -20.09 -1.48 -0.39
CA SER A 231 -21.05 -2.50 -0.74
C SER A 231 -21.41 -2.39 -2.23
N THR A 232 -21.69 -1.16 -2.66
CA THR A 232 -22.08 -0.91 -4.03
C THR A 232 -20.93 -1.17 -4.99
N ASN A 233 -19.78 -0.55 -4.73
CA ASN A 233 -18.63 -0.69 -5.60
C ASN A 233 -18.17 -2.13 -5.72
N CYS A 234 -18.13 -2.85 -4.60
CA CYS A 234 -17.63 -4.22 -4.63
C CYS A 234 -18.53 -5.12 -5.46
N THR A 235 -19.85 -4.94 -5.33
CA THR A 235 -20.80 -5.72 -6.11
C THR A 235 -20.56 -5.45 -7.59
N GLU A 236 -20.39 -4.18 -7.93
CA GLU A 236 -20.20 -3.79 -9.32
C GLU A 236 -18.91 -4.35 -9.89
N GLU A 237 -17.83 -4.27 -9.12
CA GLU A 237 -16.53 -4.76 -9.58
C GLU A 237 -16.55 -6.27 -9.74
N LEU A 238 -17.30 -6.97 -8.88
CA LEU A 238 -17.49 -8.40 -9.04
C LEU A 238 -18.11 -8.68 -10.40
N GLU A 239 -19.16 -7.94 -10.73
CA GLU A 239 -19.84 -8.14 -12.01
C GLU A 239 -18.93 -7.81 -13.18
N ASN A 240 -18.20 -6.70 -13.08
CA ASN A 240 -17.27 -6.30 -14.14
C ASN A 240 -16.22 -7.37 -14.39
N ALA A 241 -15.88 -8.14 -13.36
CA ALA A 241 -14.83 -9.13 -13.46
C ALA A 241 -15.33 -10.50 -13.94
N GLY A 242 -16.62 -10.59 -14.26
CA GLY A 242 -17.16 -11.84 -14.78
C GLY A 242 -17.84 -12.73 -13.75
N VAL A 243 -17.90 -12.29 -12.50
CA VAL A 243 -18.65 -13.03 -11.50
C VAL A 243 -20.14 -12.73 -11.65
N GLU A 244 -20.94 -13.77 -11.85
CA GLU A 244 -22.37 -13.60 -11.93
C GLU A 244 -22.94 -13.47 -10.53
N VAL A 245 -23.48 -12.30 -10.22
CA VAL A 245 -24.03 -12.07 -8.89
C VAL A 245 -25.52 -12.33 -8.91
N LEU A 246 -25.95 -13.41 -8.28
CA LEU A 246 -27.36 -13.80 -8.30
C LEU A 246 -28.07 -13.15 -7.12
N LYS A 247 -28.75 -12.04 -7.39
CA LYS A 247 -29.35 -11.22 -6.36
C LYS A 247 -30.70 -11.75 -5.84
N PHE A 248 -31.00 -11.44 -4.59
CA PHE A 248 -32.23 -11.88 -3.94
C PHE A 248 -32.49 -13.35 -4.23
N SER A 249 -31.47 -14.16 -4.05
CA SER A 249 -31.55 -15.56 -4.39
C SER A 249 -31.03 -16.43 -3.26
N GLN A 250 -31.67 -17.59 -3.07
CA GLN A 250 -31.19 -18.54 -2.09
C GLN A 250 -31.45 -19.96 -2.55
N VAL A 251 -30.72 -20.90 -1.96
CA VAL A 251 -30.78 -22.28 -2.37
C VAL A 251 -31.97 -22.94 -1.71
N LYS A 252 -32.74 -23.70 -2.49
CA LYS A 252 -33.87 -24.47 -1.96
C LYS A 252 -33.47 -25.93 -1.82
N GLU A 253 -32.62 -26.39 -2.74
CA GLU A 253 -32.25 -27.79 -2.77
C GLU A 253 -31.03 -28.01 -3.65
N VAL A 254 -30.28 -29.06 -3.37
CA VAL A 254 -29.13 -29.43 -4.17
C VAL A 254 -29.25 -30.90 -4.50
N LYS A 255 -29.00 -31.26 -5.75
CA LYS A 255 -29.09 -32.65 -6.17
C LYS A 255 -27.83 -33.06 -6.91
N LYS A 256 -27.39 -34.30 -6.66
CA LYS A 256 -26.28 -34.86 -7.39
C LYS A 256 -26.78 -35.25 -8.77
N THR A 257 -26.09 -34.78 -9.81
CA THR A 257 -26.47 -35.12 -11.17
C THR A 257 -25.33 -35.91 -11.81
N LEU A 258 -25.49 -36.23 -13.09
CA LEU A 258 -24.47 -36.97 -13.82
C LEU A 258 -23.16 -36.20 -13.92
N SER A 259 -23.26 -34.92 -14.25
CA SER A 259 -22.09 -34.08 -14.50
C SER A 259 -21.52 -33.43 -13.25
N GLY A 260 -22.37 -33.20 -12.25
CA GLY A 260 -21.94 -32.60 -11.00
C GLY A 260 -23.07 -32.39 -10.02
N LEU A 261 -23.51 -31.15 -9.88
CA LEU A 261 -24.62 -30.83 -8.99
C LEU A 261 -25.64 -29.96 -9.69
N GLU A 262 -26.91 -30.14 -9.35
CA GLU A 262 -27.96 -29.22 -9.76
C GLU A 262 -28.37 -28.40 -8.56
N VAL A 263 -28.33 -27.09 -8.70
CA VAL A 263 -28.71 -26.21 -7.60
C VAL A 263 -30.04 -25.56 -7.92
N SER A 264 -31.07 -25.88 -7.15
CA SER A 264 -32.35 -25.24 -7.37
C SER A 264 -32.37 -24.04 -6.46
N MET A 265 -32.58 -22.87 -7.03
CA MET A 265 -32.63 -21.64 -6.24
C MET A 265 -33.92 -20.89 -6.49
N VAL A 266 -34.35 -20.13 -5.47
CA VAL A 266 -35.49 -19.25 -5.59
C VAL A 266 -35.00 -17.81 -5.61
N THR A 267 -35.41 -17.06 -6.60
CA THR A 267 -35.08 -15.65 -6.69
C THR A 267 -36.34 -14.83 -6.47
N ALA A 268 -36.29 -13.89 -5.53
CA ALA A 268 -37.43 -13.05 -5.20
C ALA A 268 -37.04 -11.58 -5.15
N VAL A 269 -36.90 -10.99 -6.34
CA VAL A 269 -36.57 -9.57 -6.44
C VAL A 269 -37.80 -8.72 -6.10
N PRO A 270 -37.61 -7.71 -5.24
CA PRO A 270 -38.72 -6.80 -4.88
C PRO A 270 -39.39 -6.21 -6.12
N GLY A 271 -40.71 -6.22 -6.16
CA GLY A 271 -41.42 -5.71 -7.32
C GLY A 271 -41.58 -6.75 -8.41
N ARG A 272 -41.00 -7.92 -8.19
CA ARG A 272 -41.19 -9.03 -9.13
C ARG A 272 -41.82 -10.20 -8.41
N LEU A 273 -42.13 -11.25 -9.17
CA LEU A 273 -42.61 -12.48 -8.58
C LEU A 273 -41.45 -13.44 -8.34
N PRO A 274 -41.54 -14.22 -7.27
CA PRO A 274 -40.56 -15.28 -7.01
C PRO A 274 -40.48 -16.22 -8.19
N VAL A 275 -39.27 -16.65 -8.54
CA VAL A 275 -39.09 -17.60 -9.62
C VAL A 275 -38.02 -18.61 -9.23
N MET A 276 -38.29 -19.89 -9.50
CA MET A 276 -37.34 -20.94 -9.21
C MET A 276 -36.52 -21.24 -10.45
N THR A 277 -35.20 -21.31 -10.28
CA THR A 277 -34.28 -21.60 -11.38
C THR A 277 -33.40 -22.78 -11.01
N MET A 278 -33.20 -23.69 -11.96
CA MET A 278 -32.28 -24.80 -11.76
C MET A 278 -30.93 -24.45 -12.35
N ILE A 279 -29.89 -24.50 -11.52
CA ILE A 279 -28.54 -24.31 -12.03
C ILE A 279 -27.87 -25.68 -12.17
N PRO A 280 -27.65 -26.11 -13.42
CA PRO A 280 -27.08 -27.42 -13.74
C PRO A 280 -25.56 -27.37 -13.85
N ASP A 281 -24.93 -28.54 -13.78
CA ASP A 281 -23.52 -28.68 -14.13
C ASP A 281 -22.61 -27.89 -13.20
N VAL A 282 -23.02 -27.77 -11.94
CA VAL A 282 -22.19 -27.12 -10.94
C VAL A 282 -21.18 -28.11 -10.37
N ASP A 283 -19.90 -27.80 -10.52
CA ASP A 283 -18.85 -28.65 -10.00
C ASP A 283 -18.60 -28.38 -8.54
N CYS A 284 -18.70 -27.12 -8.15
CA CYS A 284 -18.38 -26.73 -6.80
C CYS A 284 -19.46 -25.81 -6.23
N LEU A 285 -20.20 -26.29 -5.25
CA LEU A 285 -21.13 -25.43 -4.52
C LEU A 285 -20.47 -25.14 -3.18
N LEU A 286 -20.25 -23.86 -2.91
CA LEU A 286 -19.50 -23.48 -1.72
C LEU A 286 -20.34 -22.61 -0.77
N TRP A 287 -20.64 -23.16 0.41
CA TRP A 287 -21.38 -22.40 1.41
C TRP A 287 -20.44 -21.46 2.15
N ALA A 288 -20.75 -20.16 2.10
CA ALA A 288 -20.03 -19.17 2.88
C ALA A 288 -21.04 -18.22 3.51
N ILE A 289 -21.82 -18.75 4.44
CA ILE A 289 -22.98 -18.08 4.99
C ILE A 289 -22.83 -17.81 6.48
N GLY A 290 -21.66 -18.08 7.03
CA GLY A 290 -21.41 -17.79 8.43
C GLY A 290 -20.47 -18.77 9.12
N ARG A 291 -20.05 -18.41 10.33
CA ARG A 291 -19.18 -19.25 11.13
C ARG A 291 -19.89 -19.62 12.43
N VAL A 292 -19.70 -20.86 12.87
CA VAL A 292 -20.25 -21.30 14.16
C VAL A 292 -19.09 -21.48 15.14
N PRO A 293 -19.28 -21.03 16.39
CA PRO A 293 -18.21 -21.13 17.38
C PRO A 293 -17.94 -22.58 17.73
N ASN A 294 -16.71 -22.88 18.13
CA ASN A 294 -16.34 -24.24 18.47
C ASN A 294 -16.46 -24.47 19.97
N THR A 295 -17.67 -24.75 20.43
CA THR A 295 -17.93 -24.91 21.87
C THR A 295 -18.76 -26.14 22.23
N LYS A 296 -19.42 -26.72 21.23
CA LYS A 296 -20.32 -27.86 21.43
C LYS A 296 -19.78 -28.95 22.35
N ASP A 297 -18.52 -29.33 22.16
CA ASP A 297 -17.94 -30.43 22.94
C ASP A 297 -16.97 -29.99 24.04
N LEU A 298 -17.13 -28.77 24.52
CA LEU A 298 -16.27 -28.25 25.60
C LEU A 298 -16.77 -28.61 26.98
N SER A 299 -17.97 -29.16 27.06
CA SER A 299 -18.61 -29.41 28.34
C SER A 299 -18.66 -28.12 29.18
N LEU A 300 -18.95 -27.01 28.51
CA LEU A 300 -19.10 -25.72 29.18
C LEU A 300 -20.13 -25.77 30.31
N ASN A 301 -21.16 -26.58 30.13
CA ASN A 301 -22.24 -26.68 31.10
C ASN A 301 -21.76 -27.24 32.45
N LYS A 302 -20.68 -28.01 32.43
CA LYS A 302 -20.16 -28.59 33.68
C LYS A 302 -19.73 -27.51 34.65
N LEU A 303 -19.49 -26.31 34.15
CA LEU A 303 -19.06 -25.21 35.02
C LEU A 303 -20.01 -24.02 34.92
N GLY A 304 -21.09 -24.19 34.18
CA GLY A 304 -22.04 -23.09 33.98
C GLY A 304 -21.43 -21.92 33.22
N ILE A 305 -20.49 -22.20 32.32
CA ILE A 305 -19.92 -21.14 31.48
C ILE A 305 -20.95 -20.63 30.48
N GLN A 306 -21.15 -19.33 30.47
CA GLN A 306 -22.26 -18.71 29.73
C GLN A 306 -22.01 -18.59 28.23
N THR A 307 -23.00 -18.96 27.44
CA THR A 307 -22.95 -18.77 25.99
C THR A 307 -24.21 -18.09 25.50
N ASP A 308 -24.20 -17.62 24.26
CA ASP A 308 -25.44 -17.13 23.63
C ASP A 308 -26.10 -18.30 22.93
N ASP A 309 -27.21 -18.04 22.23
CA ASP A 309 -27.95 -19.14 21.59
C ASP A 309 -27.20 -19.74 20.41
N LYS A 310 -26.18 -19.04 19.91
CA LYS A 310 -25.33 -19.58 18.85
C LYS A 310 -24.12 -20.35 19.38
N GLY A 311 -23.96 -20.37 20.70
CA GLY A 311 -22.85 -21.11 21.29
C GLY A 311 -21.58 -20.29 21.48
N HIS A 312 -21.67 -18.99 21.21
CA HIS A 312 -20.54 -18.11 21.48
C HIS A 312 -20.34 -18.00 22.98
N ILE A 313 -19.09 -18.00 23.43
CA ILE A 313 -18.78 -17.76 24.83
C ILE A 313 -18.94 -16.28 25.13
N ILE A 314 -19.65 -15.96 26.20
CA ILE A 314 -19.90 -14.57 26.56
C ILE A 314 -18.76 -14.06 27.44
N VAL A 315 -18.28 -12.86 27.13
CA VAL A 315 -17.20 -12.26 27.91
C VAL A 315 -17.47 -10.79 28.16
N ASP A 316 -16.84 -10.24 29.19
CA ASP A 316 -16.84 -8.80 29.40
C ASP A 316 -15.72 -8.19 28.57
N GLU A 317 -15.46 -6.91 28.77
CA GLU A 317 -14.44 -6.19 28.00
C GLU A 317 -13.01 -6.69 28.29
N PHE A 318 -12.84 -7.42 29.38
CA PHE A 318 -11.54 -7.97 29.72
C PHE A 318 -11.43 -9.45 29.34
N GLN A 319 -12.38 -9.92 28.54
CA GLN A 319 -12.38 -11.31 28.08
C GLN A 319 -12.66 -12.32 29.20
N ASN A 320 -13.12 -11.83 30.35
CA ASN A 320 -13.63 -12.73 31.40
C ASN A 320 -14.92 -13.40 30.97
N THR A 321 -15.00 -14.72 31.15
CA THR A 321 -16.30 -15.39 31.09
C THR A 321 -17.07 -15.05 32.37
N ASN A 322 -18.22 -15.69 32.57
CA ASN A 322 -19.00 -15.48 33.79
C ASN A 322 -18.39 -16.24 34.94
N VAL A 323 -17.39 -17.07 34.63
CA VAL A 323 -16.74 -17.90 35.65
C VAL A 323 -15.32 -17.44 35.95
N LYS A 324 -15.04 -17.20 37.23
CA LYS A 324 -13.71 -16.75 37.66
C LYS A 324 -12.59 -17.69 37.21
N GLY A 325 -11.51 -17.11 36.70
CA GLY A 325 -10.36 -17.88 36.26
C GLY A 325 -10.51 -18.48 34.88
N ILE A 326 -11.63 -18.19 34.22
CA ILE A 326 -11.87 -18.67 32.86
C ILE A 326 -12.13 -17.52 31.90
N TYR A 327 -11.40 -17.50 30.79
CA TYR A 327 -11.46 -16.40 29.84
C TYR A 327 -11.69 -16.93 28.44
N ALA A 328 -12.01 -16.05 27.51
CA ALA A 328 -12.17 -16.45 26.11
C ALA A 328 -11.82 -15.28 25.20
N VAL A 329 -11.14 -15.58 24.10
CA VAL A 329 -10.81 -14.56 23.12
C VAL A 329 -10.96 -15.17 21.75
N GLY A 330 -11.12 -14.30 20.75
CA GLY A 330 -11.13 -14.74 19.36
C GLY A 330 -12.51 -15.13 18.87
N ASP A 331 -12.53 -15.89 17.76
CA ASP A 331 -13.75 -16.22 17.04
C ASP A 331 -14.79 -16.89 17.92
N VAL A 332 -14.35 -17.56 18.98
CA VAL A 332 -15.26 -18.29 19.83
C VAL A 332 -16.23 -17.36 20.55
N CYS A 333 -15.86 -16.08 20.64
CA CYS A 333 -16.71 -15.07 21.28
C CYS A 333 -17.58 -14.34 20.26
N GLY A 334 -17.31 -14.56 18.97
CA GLY A 334 -18.20 -14.10 17.91
C GLY A 334 -18.14 -12.62 17.57
N LYS A 335 -17.12 -11.93 18.06
CA LYS A 335 -16.99 -10.49 17.80
C LYS A 335 -15.69 -10.18 17.06
N ALA A 336 -15.81 -9.54 15.89
CA ALA A 336 -14.65 -9.15 15.09
C ALA A 336 -13.74 -10.33 14.80
N LEU A 337 -14.21 -11.22 13.93
CA LEU A 337 -13.56 -12.49 13.68
C LEU A 337 -12.35 -12.30 12.78
N LEU A 338 -11.26 -11.83 13.36
CA LEU A 338 -10.04 -11.54 12.63
C LEU A 338 -8.85 -12.05 13.41
N THR A 339 -7.82 -12.47 12.71
CA THR A 339 -6.65 -13.03 13.37
C THR A 339 -5.98 -12.01 14.30
N PRO A 340 -5.73 -10.79 13.80
CA PRO A 340 -5.03 -9.79 14.62
C PRO A 340 -5.83 -9.38 15.86
N VAL A 341 -7.13 -9.60 15.81
CA VAL A 341 -7.98 -9.25 16.94
C VAL A 341 -7.85 -10.30 18.02
N ALA A 342 -7.88 -11.58 17.62
CA ALA A 342 -7.67 -12.65 18.58
C ALA A 342 -6.28 -12.50 19.21
N ILE A 343 -5.28 -12.22 18.38
CA ILE A 343 -3.91 -12.01 18.86
C ILE A 343 -3.82 -10.87 19.88
N ALA A 344 -4.39 -9.72 19.55
CA ALA A 344 -4.31 -8.55 20.42
C ALA A 344 -5.08 -8.73 21.72
N ALA A 345 -6.29 -9.27 21.64
CA ALA A 345 -7.06 -9.60 22.84
C ALA A 345 -6.30 -10.62 23.69
N GLY A 346 -5.69 -11.59 23.03
CA GLY A 346 -4.91 -12.61 23.73
C GLY A 346 -3.72 -12.03 24.48
N ARG A 347 -2.97 -11.16 23.82
CA ARG A 347 -1.79 -10.53 24.43
C ARG A 347 -2.19 -9.55 25.54
N LYS A 348 -3.25 -8.77 25.31
CA LYS A 348 -3.73 -7.87 26.33
C LYS A 348 -4.12 -8.65 27.57
N LEU A 349 -4.74 -9.81 27.36
CA LEU A 349 -5.17 -10.67 28.46
C LEU A 349 -3.95 -11.16 29.24
N ALA A 350 -2.95 -11.65 28.51
CA ALA A 350 -1.70 -12.08 29.15
C ALA A 350 -1.13 -10.99 30.06
N HIS A 351 -1.08 -9.77 29.55
CA HIS A 351 -0.52 -8.66 30.32
C HIS A 351 -1.34 -8.37 31.57
N ARG A 352 -2.65 -8.49 31.46
CA ARG A 352 -3.53 -8.29 32.61
C ARG A 352 -3.29 -9.34 33.69
N LEU A 353 -3.22 -10.60 33.28
CA LEU A 353 -3.13 -11.70 34.24
C LEU A 353 -1.72 -11.90 34.78
N PHE A 354 -0.72 -11.67 33.95
CA PHE A 354 0.64 -12.05 34.31
C PHE A 354 1.60 -10.87 34.45
N GLU A 355 1.15 -9.68 34.06
CA GLU A 355 1.85 -8.46 34.42
C GLU A 355 0.98 -7.59 35.32
N TYR A 356 -0.15 -8.14 35.76
CA TYR A 356 -1.06 -7.47 36.69
C TYR A 356 -1.46 -6.07 36.23
N LYS A 357 -1.57 -5.89 34.92
CA LYS A 357 -2.03 -4.61 34.37
C LYS A 357 -3.55 -4.66 34.28
N GLU A 358 -4.20 -4.21 35.34
CA GLU A 358 -5.65 -4.35 35.48
C GLU A 358 -6.43 -3.66 34.36
N ASP A 359 -5.82 -2.66 33.73
CA ASP A 359 -6.49 -1.89 32.69
C ASP A 359 -6.18 -2.44 31.31
N SER A 360 -5.46 -3.57 31.25
CA SER A 360 -5.04 -4.11 29.97
C SER A 360 -6.17 -4.87 29.28
N LYS A 361 -6.61 -4.34 28.15
CA LYS A 361 -7.69 -4.95 27.38
C LYS A 361 -7.62 -4.44 25.95
N LEU A 362 -8.32 -5.11 25.05
CA LEU A 362 -8.37 -4.68 23.66
C LEU A 362 -9.48 -3.67 23.41
N ASP A 363 -9.14 -2.56 22.76
CA ASP A 363 -10.12 -1.61 22.27
C ASP A 363 -10.67 -2.15 20.95
N TYR A 364 -11.97 -2.44 20.90
CA TYR A 364 -12.57 -3.03 19.70
C TYR A 364 -13.07 -1.98 18.70
N ASN A 365 -12.82 -0.71 19.00
CA ASN A 365 -13.15 0.35 18.05
C ASN A 365 -11.97 0.56 17.12
N ASN A 366 -12.26 0.98 15.89
CA ASN A 366 -11.22 1.31 14.93
C ASN A 366 -10.27 0.16 14.60
N ILE A 367 -10.81 -1.05 14.57
CA ILE A 367 -10.09 -2.21 14.05
C ILE A 367 -10.19 -2.18 12.54
N PRO A 368 -9.05 -2.20 11.83
CA PRO A 368 -9.05 -2.13 10.37
C PRO A 368 -9.30 -3.50 9.76
N THR A 369 -9.94 -3.52 8.60
CA THR A 369 -10.15 -4.75 7.86
C THR A 369 -9.79 -4.56 6.41
N VAL A 370 -9.20 -5.58 5.81
CA VAL A 370 -9.04 -5.65 4.36
C VAL A 370 -9.85 -6.83 3.83
N VAL A 371 -10.56 -6.62 2.74
CA VAL A 371 -11.19 -7.72 2.02
C VAL A 371 -10.41 -7.91 0.73
N PHE A 372 -9.97 -9.13 0.49
CA PHE A 372 -9.16 -9.39 -0.68
C PHE A 372 -10.04 -9.73 -1.87
N SER A 373 -10.80 -8.73 -2.29
CA SER A 373 -11.52 -8.81 -3.53
C SER A 373 -10.58 -8.29 -4.60
N HIS A 374 -11.13 -7.94 -5.75
CA HIS A 374 -10.36 -7.46 -6.88
C HIS A 374 -11.04 -6.22 -7.45
N PRO A 375 -10.51 -5.02 -7.14
CA PRO A 375 -9.36 -4.73 -6.28
C PRO A 375 -9.69 -4.91 -4.80
N PRO A 376 -8.65 -4.90 -3.95
CA PRO A 376 -8.85 -5.12 -2.51
C PRO A 376 -9.62 -3.97 -1.85
N ILE A 377 -10.28 -4.28 -0.74
CA ILE A 377 -11.03 -3.30 0.02
C ILE A 377 -10.29 -3.02 1.33
N GLY A 378 -10.26 -1.76 1.73
CA GLY A 378 -9.72 -1.39 3.02
C GLY A 378 -10.73 -0.55 3.78
N THR A 379 -10.96 -0.88 5.04
CA THR A 379 -11.89 -0.09 5.83
C THR A 379 -11.49 -0.02 7.30
N VAL A 380 -11.72 1.13 7.89
CA VAL A 380 -11.54 1.29 9.35
C VAL A 380 -12.51 2.34 9.87
N GLY A 381 -13.04 2.13 11.07
CA GLY A 381 -13.92 3.09 11.68
C GLY A 381 -15.37 2.91 11.25
N LEU A 382 -16.15 3.98 11.36
CA LEU A 382 -17.59 3.93 11.13
C LEU A 382 -17.98 4.13 9.67
N THR A 383 -18.98 3.38 9.22
CA THR A 383 -19.60 3.68 7.93
C THR A 383 -20.22 5.06 8.06
N GLU A 384 -20.63 5.64 6.93
CA GLU A 384 -21.28 6.94 6.96
C GLU A 384 -22.57 6.88 7.77
N ASP A 385 -23.34 5.81 7.58
CA ASP A 385 -24.59 5.62 8.30
C ASP A 385 -24.35 5.47 9.80
N GLU A 386 -23.35 4.68 10.16
CA GLU A 386 -22.99 4.53 11.57
C GLU A 386 -22.62 5.87 12.19
N ALA A 387 -21.85 6.68 11.47
CA ALA A 387 -21.48 8.00 11.96
C ALA A 387 -22.72 8.88 12.10
N ILE A 388 -23.58 8.83 11.10
CA ILE A 388 -24.79 9.62 11.12
C ILE A 388 -25.62 9.28 12.35
N HIS A 389 -25.80 7.99 12.62
CA HIS A 389 -26.58 7.59 13.78
C HIS A 389 -25.94 8.01 15.10
N LYS A 390 -24.62 7.95 15.16
CA LYS A 390 -23.92 8.21 16.40
C LYS A 390 -23.74 9.70 16.71
N TYR A 391 -23.56 10.51 15.67
CA TYR A 391 -23.24 11.91 15.88
C TYR A 391 -24.37 12.84 15.50
N GLY A 392 -25.28 12.34 14.66
CA GLY A 392 -26.32 13.18 14.10
C GLY A 392 -25.95 13.64 12.70
N ILE A 393 -26.91 13.56 11.78
CA ILE A 393 -26.67 13.85 10.37
C ILE A 393 -26.12 15.26 10.17
N GLU A 394 -26.43 16.15 11.11
CA GLU A 394 -25.99 17.53 11.02
C GLU A 394 -24.51 17.65 11.41
N ASN A 395 -23.98 16.62 12.04
CA ASN A 395 -22.61 16.66 12.54
C ASN A 395 -21.66 15.73 11.80
N VAL A 396 -22.13 15.17 10.69
CA VAL A 396 -21.30 14.33 9.85
C VAL A 396 -21.07 14.94 8.48
N LYS A 397 -19.82 14.92 8.04
CA LYS A 397 -19.43 15.42 6.73
C LYS A 397 -18.56 14.36 6.09
N THR A 398 -18.96 13.86 4.93
CA THR A 398 -18.12 12.89 4.24
C THR A 398 -17.45 13.49 3.02
N TYR A 399 -16.23 13.03 2.77
CA TYR A 399 -15.51 13.36 1.55
C TYR A 399 -15.27 12.06 0.80
N SER A 400 -15.42 12.10 -0.52
CA SER A 400 -15.22 10.90 -1.29
C SER A 400 -14.67 11.25 -2.65
N THR A 401 -14.02 10.28 -3.28
CA THR A 401 -13.56 10.45 -4.63
C THR A 401 -13.64 9.12 -5.36
N SER A 402 -13.68 9.20 -6.68
CA SER A 402 -13.67 8.03 -7.52
C SER A 402 -12.78 8.31 -8.72
N PHE A 403 -11.81 7.43 -8.97
CA PHE A 403 -10.91 7.62 -10.10
C PHE A 403 -10.43 6.28 -10.62
N THR A 404 -9.86 6.30 -11.82
CA THR A 404 -9.20 5.15 -12.39
C THR A 404 -7.71 5.32 -12.17
N PRO A 405 -7.09 4.39 -11.41
CA PRO A 405 -5.66 4.50 -11.11
C PRO A 405 -4.85 4.57 -12.39
N MET A 406 -3.82 5.40 -12.42
CA MET A 406 -3.02 5.57 -13.63
C MET A 406 -2.37 4.27 -14.10
N TYR A 407 -2.37 3.24 -13.26
CA TYR A 407 -1.98 1.93 -13.75
C TYR A 407 -2.79 1.54 -14.99
N HIS A 408 -4.05 1.95 -15.03
CA HIS A 408 -4.93 1.58 -16.13
C HIS A 408 -4.93 2.60 -17.26
N ALA A 409 -4.08 3.61 -17.16
CA ALA A 409 -4.00 4.63 -18.20
C ALA A 409 -3.66 4.01 -19.54
N VAL A 410 -3.05 2.84 -19.52
CA VAL A 410 -2.61 2.19 -20.76
C VAL A 410 -3.27 0.84 -21.04
N THR A 411 -4.28 0.48 -20.25
CA THR A 411 -4.94 -0.81 -20.41
C THR A 411 -6.39 -0.69 -20.87
N LYS A 412 -6.87 -1.71 -21.57
CA LYS A 412 -8.27 -1.75 -21.99
C LYS A 412 -9.15 -2.20 -20.84
N ARG A 413 -8.59 -3.04 -19.98
CA ARG A 413 -9.25 -3.49 -18.76
C ARG A 413 -9.19 -2.37 -17.73
N LYS A 414 -10.28 -2.18 -16.98
CA LYS A 414 -10.33 -1.11 -16.00
C LYS A 414 -10.78 -1.61 -14.64
N THR A 415 -10.23 -1.03 -13.58
CA THR A 415 -10.83 -1.13 -12.26
C THR A 415 -10.89 0.28 -11.72
N LYS A 416 -11.75 0.49 -10.74
CA LYS A 416 -11.92 1.79 -10.15
C LYS A 416 -11.23 1.84 -8.80
N CYS A 417 -10.97 3.05 -8.32
CA CYS A 417 -10.59 3.24 -6.92
C CYS A 417 -11.60 4.20 -6.32
N VAL A 418 -12.24 3.77 -5.24
CA VAL A 418 -13.18 4.64 -4.55
C VAL A 418 -12.67 4.84 -3.13
N MET A 419 -12.74 6.07 -2.66
CA MET A 419 -12.31 6.41 -1.32
C MET A 419 -13.35 7.29 -0.64
N LYS A 420 -13.65 7.00 0.62
CA LYS A 420 -14.56 7.83 1.39
C LYS A 420 -13.98 8.08 2.76
N MET A 421 -13.97 9.34 3.17
CA MET A 421 -13.54 9.72 4.51
C MET A 421 -14.77 10.23 5.25
N VAL A 422 -15.06 9.66 6.41
CA VAL A 422 -16.21 10.09 7.19
C VAL A 422 -15.75 10.94 8.37
N CYS A 423 -16.20 12.20 8.39
CA CYS A 423 -15.79 13.15 9.43
C CYS A 423 -16.95 13.54 10.35
N ALA A 424 -16.64 13.74 11.63
CA ALA A 424 -17.65 14.08 12.62
C ALA A 424 -17.29 15.36 13.38
N ASN A 425 -18.31 16.16 13.67
CA ASN A 425 -18.16 17.38 14.46
C ASN A 425 -17.37 18.49 13.77
N LYS A 426 -17.25 19.62 14.46
CA LYS A 426 -16.64 20.82 13.91
C LYS A 426 -15.19 20.60 13.49
N GLU A 427 -14.44 19.87 14.32
CA GLU A 427 -13.03 19.58 14.06
C GLU A 427 -12.85 18.65 12.87
N GLU A 428 -13.95 18.08 12.40
CA GLU A 428 -13.91 17.06 11.34
C GLU A 428 -12.96 15.91 11.69
N LYS A 429 -13.21 15.31 12.84
CA LYS A 429 -12.49 14.12 13.26
C LYS A 429 -12.75 13.02 12.24
N VAL A 430 -11.70 12.36 11.79
CA VAL A 430 -11.87 11.26 10.86
C VAL A 430 -12.32 10.01 11.61
N VAL A 431 -13.60 9.68 11.50
CA VAL A 431 -14.13 8.55 12.26
C VAL A 431 -14.34 7.33 11.36
N GLY A 432 -14.11 7.51 10.07
CA GLY A 432 -14.20 6.40 9.13
C GLY A 432 -13.38 6.64 7.89
N ILE A 433 -12.72 5.59 7.41
CA ILE A 433 -12.07 5.59 6.10
C ILE A 433 -12.43 4.30 5.38
N HIS A 434 -12.90 4.42 4.13
CA HIS A 434 -13.37 3.26 3.39
C HIS A 434 -12.89 3.37 1.96
N MET A 435 -12.39 2.26 1.41
CA MET A 435 -11.85 2.32 0.07
C MET A 435 -11.76 0.97 -0.59
N GLN A 436 -11.85 0.99 -1.91
CA GLN A 436 -11.55 -0.18 -2.71
C GLN A 436 -10.73 0.27 -3.91
N GLY A 437 -9.70 -0.49 -4.24
CA GLY A 437 -8.85 -0.14 -5.37
C GLY A 437 -7.48 -0.75 -5.25
N LEU A 438 -6.72 -0.66 -6.34
CA LEU A 438 -5.37 -1.23 -6.40
C LEU A 438 -4.52 -0.70 -5.25
N GLY A 439 -3.80 -1.58 -4.58
CA GLY A 439 -2.92 -1.18 -3.50
C GLY A 439 -3.60 -0.89 -2.16
N CYS A 440 -4.93 -0.87 -2.14
CA CYS A 440 -5.65 -0.54 -0.91
C CYS A 440 -5.39 -1.50 0.24
N ASP A 441 -5.04 -2.74 -0.06
CA ASP A 441 -4.67 -3.70 0.99
C ASP A 441 -3.46 -3.25 1.84
N GLU A 442 -2.44 -2.70 1.18
CA GLU A 442 -1.22 -2.27 1.88
C GLU A 442 -1.31 -0.82 2.34
N MET A 443 -2.32 -0.13 1.82
CA MET A 443 -2.52 1.30 2.08
C MET A 443 -3.14 1.60 3.44
N LEU A 444 -3.97 0.68 3.93
CA LEU A 444 -4.85 0.96 5.07
C LEU A 444 -4.14 1.13 6.42
N GLN A 445 -3.14 0.28 6.68
CA GLN A 445 -2.56 0.19 8.03
C GLN A 445 -2.16 1.53 8.63
N GLY A 446 -1.41 2.34 7.87
CA GLY A 446 -0.99 3.64 8.34
C GLY A 446 -2.15 4.58 8.64
N PHE A 447 -3.15 4.58 7.78
CA PHE A 447 -4.33 5.41 8.01
C PHE A 447 -5.10 4.95 9.25
N ALA A 448 -5.04 3.65 9.52
CA ALA A 448 -5.68 3.10 10.71
C ALA A 448 -4.98 3.63 11.96
N VAL A 449 -3.65 3.72 11.91
CA VAL A 449 -2.91 4.32 13.02
C VAL A 449 -3.35 5.76 13.26
N ALA A 450 -3.48 6.52 12.16
CA ALA A 450 -3.89 7.92 12.24
C ALA A 450 -5.30 8.04 12.82
N VAL A 451 -6.21 7.19 12.35
CA VAL A 451 -7.59 7.23 12.82
C VAL A 451 -7.66 6.86 14.30
N LYS A 452 -6.89 5.84 14.69
CA LYS A 452 -6.80 5.46 16.10
C LYS A 452 -6.34 6.64 16.95
N MET A 453 -5.42 7.44 16.42
CA MET A 453 -4.89 8.59 17.13
C MET A 453 -5.89 9.75 17.22
N GLY A 454 -6.99 9.63 16.50
CA GLY A 454 -8.00 10.66 16.52
C GLY A 454 -7.72 11.76 15.51
N ALA A 455 -7.12 11.40 14.39
CA ALA A 455 -6.81 12.37 13.34
C ALA A 455 -8.06 13.13 12.90
N THR A 456 -7.86 14.41 12.60
CA THR A 456 -8.92 15.22 12.01
C THR A 456 -8.60 15.33 10.54
N LYS A 457 -9.48 15.94 9.75
CA LYS A 457 -9.20 16.09 8.33
C LYS A 457 -8.02 17.02 8.06
N ALA A 458 -7.81 17.99 8.94
CA ALA A 458 -6.67 18.90 8.79
C ALA A 458 -5.36 18.13 8.94
N ASP A 459 -5.34 17.13 9.82
CA ASP A 459 -4.18 16.26 9.97
C ASP A 459 -3.83 15.58 8.64
N PHE A 460 -4.85 15.08 7.95
CA PHE A 460 -4.64 14.45 6.65
C PHE A 460 -4.14 15.50 5.65
N ASP A 461 -4.86 16.63 5.59
CA ASP A 461 -4.56 17.68 4.63
C ASP A 461 -3.20 18.32 4.87
N ASN A 462 -2.73 18.32 6.12
CA ASN A 462 -1.43 18.86 6.47
C ASN A 462 -0.29 17.89 6.15
N THR A 463 -0.65 16.70 5.68
CA THR A 463 0.35 15.71 5.30
C THR A 463 0.60 15.79 3.81
N VAL A 464 1.86 16.02 3.46
CA VAL A 464 2.23 16.15 2.08
C VAL A 464 1.99 14.83 1.36
N ALA A 465 1.49 14.93 0.14
CA ALA A 465 1.15 13.78 -0.68
C ALA A 465 2.38 13.06 -1.19
N ILE A 466 2.20 11.78 -1.51
CA ILE A 466 3.21 11.00 -2.20
C ILE A 466 2.69 10.74 -3.61
N HIS A 467 3.48 11.17 -4.59
CA HIS A 467 3.02 11.20 -5.98
C HIS A 467 4.04 10.51 -6.88
N PRO A 468 3.56 9.72 -7.86
CA PRO A 468 2.14 9.39 -8.12
C PRO A 468 1.75 8.09 -7.45
N THR A 469 0.77 8.13 -6.57
CA THR A 469 0.23 6.92 -5.96
C THR A 469 -1.27 7.09 -5.91
N SER A 470 -1.99 6.02 -5.56
CA SER A 470 -3.41 6.15 -5.26
C SER A 470 -3.56 6.73 -3.86
N SER A 471 -2.61 6.40 -2.97
CA SER A 471 -2.76 6.73 -1.55
C SER A 471 -2.85 8.23 -1.32
N GLU A 472 -2.17 9.01 -2.16
CA GLU A 472 -2.18 10.46 -2.02
C GLU A 472 -3.59 11.06 -2.09
N GLU A 473 -4.52 10.36 -2.73
CA GLU A 473 -5.87 10.88 -2.87
C GLU A 473 -6.57 11.05 -1.52
N LEU A 474 -6.17 10.26 -0.53
CA LEU A 474 -6.73 10.35 0.80
C LEU A 474 -6.28 11.59 1.57
N VAL A 475 -5.15 12.18 1.18
CA VAL A 475 -4.71 13.41 1.85
C VAL A 475 -4.95 14.67 1.03
N THR A 476 -5.68 14.52 -0.07
CA THR A 476 -6.04 15.67 -0.89
C THR A 476 -7.51 15.68 -1.28
N LEU A 477 -8.36 15.10 -0.42
CA LEU A 477 -9.80 15.14 -0.66
C LEU A 477 -10.31 16.54 -0.40
N ARG A 478 -11.28 16.98 -1.20
CA ARG A 478 -11.87 18.29 -0.96
C ARG A 478 -13.40 18.24 -0.99
N VAL B 18 0.88 48.09 -20.18
CA VAL B 18 1.20 46.94 -19.35
C VAL B 18 -0.05 46.36 -18.70
N ALA B 19 -0.37 45.11 -19.05
CA ALA B 19 -1.49 44.42 -18.44
C ALA B 19 -1.20 44.06 -16.98
N SER B 20 -2.12 44.39 -16.09
CA SER B 20 -1.92 44.14 -14.67
C SER B 20 -2.85 43.06 -14.13
N TYR B 21 -2.32 42.20 -13.27
CA TYR B 21 -3.09 41.14 -12.62
C TYR B 21 -2.84 41.15 -11.12
N ASP B 22 -3.60 40.36 -10.37
CA ASP B 22 -3.32 40.16 -8.95
C ASP B 22 -2.13 39.23 -8.76
N TYR B 23 -1.97 38.31 -9.70
CA TYR B 23 -1.02 37.23 -9.53
C TYR B 23 -0.46 36.81 -10.87
N LEU B 24 0.84 36.98 -11.04
CA LEU B 24 1.53 36.48 -12.22
C LEU B 24 2.39 35.30 -11.82
N VAL B 25 2.19 34.18 -12.49
CA VAL B 25 2.89 32.97 -12.14
C VAL B 25 3.75 32.50 -13.29
N ILE B 26 5.06 32.46 -13.06
CA ILE B 26 5.98 32.05 -14.11
C ILE B 26 6.27 30.57 -13.99
N GLY B 27 5.79 29.80 -14.97
CA GLY B 27 5.91 28.36 -14.96
C GLY B 27 4.56 27.69 -14.73
N GLY B 28 4.13 26.89 -15.70
CA GLY B 28 2.89 26.12 -15.56
C GLY B 28 3.14 24.67 -15.20
N GLY B 29 4.00 24.46 -14.22
CA GLY B 29 4.28 23.13 -13.72
C GLY B 29 3.54 22.89 -12.42
N SER B 30 3.98 21.88 -11.67
CA SER B 30 3.36 21.51 -10.40
C SER B 30 3.07 22.72 -9.50
N GLY B 31 4.11 23.45 -9.13
CA GLY B 31 3.94 24.56 -8.21
C GLY B 31 3.15 25.73 -8.79
N GLY B 32 3.46 26.11 -10.02
CA GLY B 32 2.77 27.23 -10.65
C GLY B 32 1.28 27.00 -10.83
N LEU B 33 0.92 25.86 -11.42
CA LEU B 33 -0.49 25.55 -11.66
C LEU B 33 -1.27 25.53 -10.34
N ALA B 34 -0.75 24.81 -9.36
CA ALA B 34 -1.42 24.67 -8.08
C ALA B 34 -1.63 26.03 -7.42
N SER B 35 -0.61 26.89 -7.46
CA SER B 35 -0.70 28.18 -6.80
C SER B 35 -1.67 29.12 -7.52
N ALA B 36 -1.57 29.15 -8.85
CA ALA B 36 -2.47 29.98 -9.63
C ALA B 36 -3.92 29.54 -9.44
N ARG B 37 -4.14 28.23 -9.47
CA ARG B 37 -5.50 27.70 -9.34
C ARG B 37 -6.11 28.03 -7.99
N ARG B 38 -5.31 27.92 -6.93
CA ARG B 38 -5.80 28.24 -5.59
C ARG B 38 -6.02 29.73 -5.43
N ALA B 39 -5.10 30.53 -5.95
CA ALA B 39 -5.27 31.99 -5.95
C ALA B 39 -6.59 32.35 -6.62
N ALA B 40 -6.84 31.77 -7.79
CA ALA B 40 -8.03 32.08 -8.56
C ALA B 40 -9.29 31.74 -7.78
N GLU B 41 -9.25 30.66 -7.01
CA GLU B 41 -10.37 30.27 -6.16
C GLU B 41 -10.67 31.35 -5.13
N LEU B 42 -9.62 32.01 -4.67
CA LEU B 42 -9.76 33.08 -3.69
C LEU B 42 -10.14 34.41 -4.34
N GLY B 43 -10.28 34.40 -5.66
CA GLY B 43 -10.77 35.57 -6.38
C GLY B 43 -9.72 36.32 -7.18
N ALA B 44 -8.48 35.90 -7.06
CA ALA B 44 -7.39 36.57 -7.76
C ALA B 44 -7.55 36.53 -9.27
N ARG B 45 -7.24 37.64 -9.91
CA ARG B 45 -7.09 37.71 -11.36
C ARG B 45 -5.67 37.25 -11.67
N ALA B 46 -5.55 36.04 -12.19
CA ALA B 46 -4.25 35.41 -12.33
C ALA B 46 -3.91 35.05 -13.77
N ALA B 47 -2.62 35.01 -14.06
CA ALA B 47 -2.11 34.55 -15.34
C ALA B 47 -0.96 33.59 -15.12
N VAL B 48 -0.88 32.56 -15.95
CA VAL B 48 0.24 31.65 -15.90
C VAL B 48 1.07 31.75 -17.18
N VAL B 49 2.37 31.99 -17.02
CA VAL B 49 3.26 31.96 -18.18
C VAL B 49 3.91 30.58 -18.34
N GLU B 50 3.86 30.05 -19.56
CA GLU B 50 4.45 28.75 -19.82
C GLU B 50 5.07 28.75 -21.20
N SER B 51 6.35 28.43 -21.27
CA SER B 51 7.08 28.47 -22.55
C SER B 51 6.92 27.17 -23.31
N HIS B 52 6.55 26.11 -22.62
CA HIS B 52 6.44 24.79 -23.24
C HIS B 52 5.10 24.14 -22.94
N LYS B 53 5.12 22.95 -22.32
CA LYS B 53 3.88 22.25 -22.06
C LYS B 53 3.42 22.35 -20.61
N LEU B 54 2.12 22.62 -20.44
CA LEU B 54 1.53 22.65 -19.11
C LEU B 54 1.67 21.31 -18.41
N GLY B 55 1.88 21.36 -17.10
CA GLY B 55 2.14 20.16 -16.33
C GLY B 55 3.61 20.08 -15.96
N GLY B 56 4.43 20.84 -16.69
CA GLY B 56 5.85 20.94 -16.38
C GLY B 56 6.58 19.62 -16.35
N THR B 57 7.60 19.53 -15.50
CA THR B 57 8.46 18.35 -15.48
C THR B 57 7.71 17.07 -15.12
N CYS B 58 6.95 17.10 -14.02
CA CYS B 58 6.26 15.90 -13.57
C CYS B 58 5.40 15.25 -14.66
N VAL B 59 4.50 16.01 -15.26
CA VAL B 59 3.61 15.46 -16.28
C VAL B 59 4.37 15.01 -17.53
N ASN B 60 5.33 15.80 -17.96
CA ASN B 60 5.92 15.62 -19.28
C ASN B 60 7.16 14.72 -19.32
N VAL B 61 8.05 14.89 -18.35
CA VAL B 61 9.30 14.14 -18.34
C VAL B 61 9.69 13.75 -16.92
N GLY B 62 8.67 13.47 -16.09
CA GLY B 62 8.92 13.19 -14.69
C GLY B 62 8.03 12.11 -14.12
N CYS B 63 7.44 12.43 -12.96
CA CYS B 63 6.61 11.51 -12.21
C CYS B 63 5.72 10.61 -13.09
N VAL B 64 4.90 11.22 -13.93
CA VAL B 64 3.86 10.47 -14.63
C VAL B 64 4.43 9.44 -15.60
N PRO B 65 5.22 9.91 -16.59
CA PRO B 65 5.81 8.96 -17.53
C PRO B 65 6.75 7.98 -16.83
N LYS B 66 7.43 8.44 -15.79
CA LYS B 66 8.30 7.54 -15.02
C LYS B 66 7.48 6.39 -14.42
N LYS B 67 6.33 6.74 -13.83
CA LYS B 67 5.49 5.75 -13.16
C LYS B 67 4.93 4.73 -14.17
N VAL B 68 4.52 5.21 -15.34
CA VAL B 68 4.04 4.32 -16.38
C VAL B 68 5.15 3.33 -16.75
N MET B 69 6.36 3.84 -16.92
CA MET B 69 7.50 2.96 -17.22
C MET B 69 7.78 2.02 -16.06
N TRP B 70 7.64 2.51 -14.82
CA TRP B 70 7.82 1.63 -13.67
C TRP B 70 6.80 0.50 -13.66
N ASN B 71 5.55 0.85 -13.94
CA ASN B 71 4.49 -0.13 -13.98
C ASN B 71 4.79 -1.22 -15.01
N THR B 72 5.38 -0.78 -16.13
CA THR B 72 5.76 -1.68 -17.19
C THR B 72 6.85 -2.62 -16.70
N ALA B 73 7.84 -2.04 -16.02
CA ALA B 73 8.93 -2.81 -15.48
C ALA B 73 8.41 -3.78 -14.44
N VAL B 74 7.41 -3.34 -13.66
CA VAL B 74 6.84 -4.20 -12.63
C VAL B 74 6.20 -5.44 -13.23
N HIS B 75 5.47 -5.26 -14.34
CA HIS B 75 4.95 -6.39 -15.12
C HIS B 75 6.05 -7.37 -15.48
N SER B 76 7.15 -6.85 -16.00
CA SER B 76 8.25 -7.70 -16.40
C SER B 76 8.77 -8.50 -15.22
N GLU B 77 8.90 -7.85 -14.07
CA GLU B 77 9.40 -8.52 -12.86
C GLU B 77 8.48 -9.66 -12.42
N PHE B 78 7.19 -9.37 -12.31
CA PHE B 78 6.22 -10.37 -11.87
C PHE B 78 6.10 -11.52 -12.86
N MET B 79 6.29 -11.22 -14.14
CA MET B 79 6.20 -12.24 -15.18
C MET B 79 7.17 -13.40 -14.94
N HIS B 80 8.31 -13.11 -14.32
CA HIS B 80 9.27 -14.16 -13.99
C HIS B 80 8.65 -15.20 -13.06
N ASP B 81 7.60 -14.80 -12.34
CA ASP B 81 6.97 -15.66 -11.34
C ASP B 81 5.78 -16.47 -11.87
N HIS B 82 5.45 -16.30 -13.14
CA HIS B 82 4.25 -16.96 -13.68
C HIS B 82 4.24 -18.46 -13.45
N ALA B 83 5.32 -19.12 -13.85
CA ALA B 83 5.39 -20.58 -13.77
C ALA B 83 5.30 -21.06 -12.32
N ASP B 84 5.92 -20.31 -11.42
CA ASP B 84 5.85 -20.61 -10.00
C ASP B 84 4.41 -20.57 -9.50
N TYR B 85 3.60 -19.71 -10.10
CA TYR B 85 2.21 -19.57 -9.65
C TYR B 85 1.26 -20.46 -10.44
N GLY B 86 1.81 -21.38 -11.23
CA GLY B 86 1.01 -22.34 -11.96
C GLY B 86 0.57 -21.88 -13.33
N PHE B 87 1.19 -20.82 -13.83
CA PHE B 87 0.83 -20.28 -15.14
C PHE B 87 1.88 -20.66 -16.17
N PRO B 88 1.48 -20.78 -17.45
CA PRO B 88 2.43 -21.05 -18.52
C PRO B 88 3.38 -19.86 -18.69
N SER B 89 4.62 -20.12 -19.09
CA SER B 89 5.57 -19.03 -19.31
C SER B 89 5.21 -18.22 -20.53
N CYS B 90 5.73 -16.99 -20.59
CA CYS B 90 5.37 -16.08 -21.68
C CYS B 90 6.28 -16.17 -22.92
N GLU B 91 5.95 -15.39 -23.93
CA GLU B 91 6.43 -15.62 -25.30
C GLU B 91 7.81 -15.08 -25.68
N GLY B 92 8.32 -14.10 -24.94
CA GLY B 92 9.64 -13.57 -25.23
C GLY B 92 9.78 -12.06 -25.34
N LYS B 93 9.38 -11.50 -26.48
CA LYS B 93 9.77 -10.13 -26.83
C LYS B 93 8.95 -9.00 -26.24
N PHE B 94 9.55 -8.26 -25.30
CA PHE B 94 8.95 -6.99 -24.88
C PHE B 94 9.08 -5.95 -25.99
N ASN B 95 8.04 -5.15 -26.19
CA ASN B 95 8.05 -4.15 -27.24
C ASN B 95 7.95 -2.73 -26.68
N TRP B 96 9.09 -2.08 -26.54
CA TRP B 96 9.18 -0.73 -25.96
C TRP B 96 8.25 0.25 -26.69
N ARG B 97 8.19 0.15 -28.00
CA ARG B 97 7.43 1.08 -28.83
C ARG B 97 5.95 1.10 -28.47
N VAL B 98 5.42 -0.05 -28.07
CA VAL B 98 4.01 -0.14 -27.72
C VAL B 98 3.72 0.72 -26.49
N ILE B 99 4.54 0.59 -25.46
CA ILE B 99 4.29 1.34 -24.23
C ILE B 99 4.64 2.81 -24.41
N LYS B 100 5.69 3.10 -25.17
CA LYS B 100 6.04 4.49 -25.41
C LYS B 100 4.89 5.29 -26.03
N GLU B 101 4.26 4.72 -27.05
CA GLU B 101 3.16 5.41 -27.73
C GLU B 101 2.00 5.69 -26.77
N LYS B 102 1.66 4.71 -25.94
CA LYS B 102 0.56 4.87 -24.99
C LYS B 102 0.92 5.85 -23.89
N ARG B 103 2.18 5.85 -23.49
CA ARG B 103 2.67 6.77 -22.48
C ARG B 103 2.53 8.18 -23.02
N ASP B 104 3.04 8.39 -24.24
CA ASP B 104 2.94 9.67 -24.93
C ASP B 104 1.49 10.18 -24.99
N ALA B 105 0.57 9.29 -25.39
CA ALA B 105 -0.83 9.67 -25.52
C ALA B 105 -1.36 10.12 -24.17
N TYR B 106 -0.97 9.40 -23.12
CA TYR B 106 -1.46 9.71 -21.79
C TYR B 106 -0.97 11.08 -21.35
N VAL B 107 0.30 11.37 -21.63
CA VAL B 107 0.85 12.68 -21.35
C VAL B 107 0.08 13.78 -22.12
N SER B 108 -0.31 13.49 -23.36
CA SER B 108 -1.09 14.43 -24.16
C SER B 108 -2.46 14.68 -23.55
N ARG B 109 -3.11 13.62 -23.07
CA ARG B 109 -4.39 13.78 -22.40
C ARG B 109 -4.22 14.68 -21.18
N LEU B 110 -3.14 14.48 -20.44
CA LEU B 110 -2.89 15.27 -19.24
C LEU B 110 -2.66 16.75 -19.59
N ASN B 111 -1.89 17.02 -20.63
CA ASN B 111 -1.66 18.40 -21.06
C ASN B 111 -2.99 19.10 -21.31
N ALA B 112 -3.87 18.44 -22.05
CA ALA B 112 -5.16 19.00 -22.41
C ALA B 112 -5.99 19.25 -21.15
N ILE B 113 -5.90 18.33 -20.20
CA ILE B 113 -6.59 18.49 -18.93
C ILE B 113 -6.12 19.72 -18.14
N TYR B 114 -4.81 19.92 -18.07
CA TYR B 114 -4.27 21.04 -17.30
C TYR B 114 -4.51 22.39 -17.96
N GLN B 115 -4.52 22.40 -19.28
CA GLN B 115 -4.92 23.57 -20.03
C GLN B 115 -6.36 23.92 -19.68
N ASN B 116 -7.22 22.92 -19.68
CA ASN B 116 -8.63 23.12 -19.38
C ASN B 116 -8.86 23.57 -17.94
N ASN B 117 -8.09 23.01 -17.00
CA ASN B 117 -8.18 23.41 -15.60
C ASN B 117 -7.94 24.90 -15.43
N LEU B 118 -6.93 25.40 -16.13
CA LEU B 118 -6.64 26.82 -16.11
C LEU B 118 -7.80 27.64 -16.68
N THR B 119 -8.26 27.28 -17.87
CA THR B 119 -9.32 28.05 -18.52
C THR B 119 -10.59 28.07 -17.68
N LYS B 120 -10.99 26.91 -17.15
CA LYS B 120 -12.21 26.84 -16.35
C LYS B 120 -12.03 27.61 -15.04
N SER B 121 -10.77 27.81 -14.64
CA SER B 121 -10.48 28.60 -13.45
C SER B 121 -10.41 30.08 -13.84
N HIS B 122 -10.56 30.35 -15.13
CA HIS B 122 -10.46 31.70 -15.64
C HIS B 122 -9.08 32.27 -15.36
N ILE B 123 -8.08 31.41 -15.50
CA ILE B 123 -6.69 31.83 -15.41
C ILE B 123 -6.19 32.00 -16.82
N GLU B 124 -5.65 33.18 -17.11
CA GLU B 124 -5.10 33.44 -18.43
C GLU B 124 -3.83 32.64 -18.64
N ILE B 125 -3.67 32.06 -19.83
CA ILE B 125 -2.46 31.32 -20.18
C ILE B 125 -1.62 32.14 -21.14
N ILE B 126 -0.43 32.53 -20.70
CA ILE B 126 0.47 33.31 -21.54
C ILE B 126 1.56 32.39 -22.07
N ARG B 127 1.51 32.15 -23.38
CA ARG B 127 2.46 31.25 -24.01
C ARG B 127 3.76 31.99 -24.36
N GLY B 128 4.88 31.48 -23.85
CA GLY B 128 6.17 32.06 -24.16
C GLY B 128 7.14 32.02 -23.00
N HIS B 129 8.33 32.54 -23.20
CA HIS B 129 9.34 32.59 -22.15
C HIS B 129 9.30 33.95 -21.46
N ALA B 130 9.11 33.94 -20.15
CA ALA B 130 9.09 35.19 -19.39
C ALA B 130 10.48 35.54 -18.91
N ALA B 131 10.76 36.84 -18.87
CA ALA B 131 11.92 37.36 -18.17
C ALA B 131 11.53 38.69 -17.54
N PHE B 132 12.12 39.01 -16.40
CA PHE B 132 11.84 40.27 -15.72
C PHE B 132 12.40 41.44 -16.51
N THR B 133 11.85 42.62 -16.29
CA THR B 133 12.38 43.83 -16.88
C THR B 133 13.02 44.66 -15.79
N SER B 134 13.67 45.75 -16.20
CA SER B 134 14.32 46.63 -15.23
C SER B 134 13.33 47.62 -14.62
N ASP B 135 12.11 47.61 -15.13
CA ASP B 135 11.05 48.47 -14.62
C ASP B 135 11.03 48.46 -13.10
N PRO B 136 10.87 49.64 -12.48
CA PRO B 136 10.82 49.77 -11.03
C PRO B 136 9.90 48.71 -10.40
N LYS B 137 8.60 48.84 -10.61
CA LYS B 137 7.66 47.85 -10.08
C LYS B 137 7.77 46.54 -10.87
N PRO B 138 7.89 45.42 -10.14
CA PRO B 138 8.13 44.09 -10.71
C PRO B 138 7.28 43.83 -11.94
N THR B 139 7.95 43.63 -13.07
CA THR B 139 7.29 43.48 -14.35
C THR B 139 8.05 42.47 -15.18
N ILE B 140 7.31 41.65 -15.92
CA ILE B 140 7.92 40.67 -16.80
C ILE B 140 7.54 40.94 -18.25
N GLU B 141 8.32 40.40 -19.16
CA GLU B 141 8.04 40.53 -20.57
C GLU B 141 7.96 39.14 -21.19
N VAL B 142 6.98 38.94 -22.06
CA VAL B 142 6.86 37.71 -22.82
C VAL B 142 6.54 38.04 -24.25
N SER B 143 7.44 37.68 -25.16
CA SER B 143 7.23 37.93 -26.59
C SER B 143 6.95 39.41 -26.84
N GLY B 144 7.72 40.28 -26.20
CA GLY B 144 7.59 41.71 -26.40
C GLY B 144 6.50 42.40 -25.59
N LYS B 145 5.57 41.63 -25.04
CA LYS B 145 4.51 42.20 -24.22
C LYS B 145 4.86 42.18 -22.73
N LYS B 146 4.46 43.23 -22.02
CA LYS B 146 4.76 43.33 -20.60
C LYS B 146 3.56 42.98 -19.73
N TYR B 147 3.83 42.40 -18.57
CA TYR B 147 2.80 42.07 -17.59
C TYR B 147 3.32 42.37 -16.20
N THR B 148 2.44 42.84 -15.32
CA THR B 148 2.83 43.18 -13.96
C THR B 148 1.77 42.72 -12.96
N ALA B 149 2.16 42.69 -11.69
CA ALA B 149 1.24 42.34 -10.61
C ALA B 149 1.91 42.67 -9.30
N PRO B 150 1.10 42.91 -8.26
CA PRO B 150 1.64 43.11 -6.92
C PRO B 150 2.29 41.82 -6.43
N HIS B 151 1.94 40.69 -7.05
CA HIS B 151 2.45 39.39 -6.64
C HIS B 151 2.90 38.56 -7.84
N ILE B 152 4.20 38.27 -7.88
CA ILE B 152 4.75 37.47 -8.96
C ILE B 152 5.43 36.22 -8.40
N LEU B 153 4.95 35.05 -8.81
CA LEU B 153 5.54 33.79 -8.38
C LEU B 153 6.48 33.25 -9.43
N ILE B 154 7.72 32.96 -9.03
CA ILE B 154 8.64 32.26 -9.90
C ILE B 154 8.55 30.77 -9.61
N ALA B 155 8.07 29.99 -10.57
CA ALA B 155 7.92 28.55 -10.40
C ALA B 155 8.45 27.84 -11.63
N THR B 156 9.67 28.16 -12.01
CA THR B 156 10.21 27.75 -13.30
C THR B 156 10.85 26.36 -13.28
N GLY B 157 10.97 25.77 -12.09
CA GLY B 157 11.50 24.42 -11.99
C GLY B 157 12.98 24.38 -12.34
N GLY B 158 13.42 23.21 -12.76
CA GLY B 158 14.82 23.01 -13.12
C GLY B 158 14.92 22.10 -14.33
N MET B 159 16.09 21.51 -14.52
CA MET B 159 16.35 20.66 -15.67
C MET B 159 17.52 19.75 -15.34
N PRO B 160 17.74 18.72 -16.15
CA PRO B 160 18.80 17.75 -15.85
C PRO B 160 20.20 18.36 -16.00
N SER B 161 21.09 17.98 -15.10
CA SER B 161 22.47 18.42 -15.18
C SER B 161 23.27 17.49 -16.09
N THR B 162 24.11 18.07 -16.93
CA THR B 162 25.05 17.30 -17.74
C THR B 162 26.46 17.85 -17.54
N PRO B 163 27.48 16.97 -17.55
CA PRO B 163 28.85 17.45 -17.38
C PRO B 163 29.29 18.30 -18.55
N HIS B 164 30.13 19.30 -18.30
CA HIS B 164 30.71 20.09 -19.37
C HIS B 164 31.71 19.25 -20.14
N GLU B 165 31.80 19.47 -21.45
CA GLU B 165 32.80 18.83 -22.28
C GLU B 165 34.19 19.06 -21.73
N SER B 166 34.41 20.24 -21.15
CA SER B 166 35.72 20.59 -20.59
C SER B 166 36.14 19.63 -19.48
N GLN B 167 35.17 19.18 -18.68
CA GLN B 167 35.47 18.24 -17.60
C GLN B 167 35.46 16.81 -18.13
N ILE B 168 34.47 16.48 -18.94
CA ILE B 168 34.34 15.12 -19.47
C ILE B 168 34.10 15.18 -20.96
N PRO B 169 35.16 14.96 -21.75
CA PRO B 169 35.02 14.99 -23.21
C PRO B 169 34.01 13.94 -23.68
N GLY B 170 33.05 14.35 -24.50
CA GLY B 170 32.07 13.44 -25.04
C GLY B 170 30.79 13.32 -24.22
N ALA B 171 30.75 14.01 -23.09
CA ALA B 171 29.59 13.92 -22.20
C ALA B 171 28.29 14.20 -22.93
N SER B 172 28.34 15.09 -23.92
CA SER B 172 27.14 15.49 -24.66
C SER B 172 26.60 14.33 -25.49
N LEU B 173 27.36 13.25 -25.56
CA LEU B 173 26.90 12.04 -26.23
C LEU B 173 25.94 11.27 -25.33
N GLY B 174 25.98 11.55 -24.03
CA GLY B 174 25.06 10.92 -23.11
C GLY B 174 23.74 11.67 -23.11
N ILE B 175 22.67 11.01 -22.68
CA ILE B 175 21.40 11.69 -22.53
C ILE B 175 21.09 11.88 -21.05
N THR B 176 19.93 12.45 -20.77
CA THR B 176 19.44 12.59 -19.40
C THR B 176 18.05 11.97 -19.34
N SER B 177 17.39 12.12 -18.19
CA SER B 177 16.03 11.62 -18.03
C SER B 177 15.10 12.22 -19.08
N ASP B 178 15.37 13.47 -19.48
CA ASP B 178 14.65 14.10 -20.59
C ASP B 178 14.74 13.23 -21.85
N GLY B 179 15.96 12.88 -22.24
CA GLY B 179 16.17 12.03 -23.40
C GLY B 179 15.58 10.65 -23.20
N PHE B 180 15.64 10.15 -21.96
CA PHE B 180 15.05 8.86 -21.63
C PHE B 180 13.62 8.78 -22.15
N PHE B 181 12.86 9.85 -21.98
CA PHE B 181 11.45 9.84 -22.39
C PHE B 181 11.25 10.12 -23.87
N GLN B 182 12.36 10.28 -24.60
CA GLN B 182 12.32 10.39 -26.05
C GLN B 182 12.74 9.05 -26.70
N LEU B 183 13.32 8.16 -25.90
CA LEU B 183 13.74 6.86 -26.43
C LEU B 183 12.59 6.16 -27.14
N GLU B 184 12.86 5.63 -28.32
CA GLU B 184 11.84 4.95 -29.14
C GLU B 184 12.01 3.44 -29.09
N GLU B 185 13.15 2.99 -28.59
CA GLU B 185 13.47 1.58 -28.50
C GLU B 185 14.19 1.31 -27.19
N LEU B 186 14.19 0.05 -26.76
CA LEU B 186 14.96 -0.35 -25.59
C LEU B 186 16.43 -0.42 -25.97
N PRO B 187 17.28 0.36 -25.30
CA PRO B 187 18.73 0.28 -25.55
C PRO B 187 19.24 -1.12 -25.17
N GLY B 188 20.06 -1.72 -26.02
CA GLY B 188 20.59 -3.04 -25.72
C GLY B 188 21.47 -3.02 -24.49
N ARG B 189 22.24 -1.95 -24.36
CA ARG B 189 23.22 -1.84 -23.30
C ARG B 189 23.11 -0.43 -22.74
N SER B 190 22.91 -0.32 -21.43
CA SER B 190 22.68 0.97 -20.81
C SER B 190 23.66 1.19 -19.67
N VAL B 191 24.23 2.40 -19.62
CA VAL B 191 24.99 2.83 -18.47
C VAL B 191 24.34 4.08 -17.88
N ILE B 192 23.92 3.97 -16.62
CA ILE B 192 23.34 5.10 -15.91
C ILE B 192 24.37 5.63 -14.92
N VAL B 193 24.62 6.93 -14.95
CA VAL B 193 25.57 7.53 -14.04
C VAL B 193 24.85 8.39 -13.02
N GLY B 194 24.97 8.02 -11.76
CA GLY B 194 24.34 8.76 -10.68
C GLY B 194 23.92 7.79 -9.61
N ALA B 195 23.64 8.31 -8.42
CA ALA B 195 23.34 7.44 -7.28
C ALA B 195 22.07 7.88 -6.56
N GLY B 196 21.39 8.88 -7.10
CA GLY B 196 20.18 9.40 -6.48
C GLY B 196 18.96 8.65 -6.98
N TYR B 197 17.77 9.07 -6.55
CA TYR B 197 16.56 8.29 -6.85
C TYR B 197 16.26 8.17 -8.35
N ILE B 198 16.54 9.23 -9.11
CA ILE B 198 16.28 9.19 -10.55
C ILE B 198 17.17 8.15 -11.24
N ALA B 199 18.46 8.14 -10.88
CA ALA B 199 19.40 7.16 -11.41
C ALA B 199 18.90 5.75 -11.11
N VAL B 200 18.54 5.52 -9.85
CA VAL B 200 18.09 4.20 -9.41
C VAL B 200 16.83 3.75 -10.17
N GLU B 201 15.89 4.67 -10.32
CA GLU B 201 14.63 4.35 -11.01
C GLU B 201 14.89 4.01 -12.47
N MET B 202 15.73 4.82 -13.11
CA MET B 202 16.08 4.61 -14.51
C MET B 202 16.75 3.26 -14.72
N ALA B 203 17.75 2.97 -13.90
CA ALA B 203 18.48 1.72 -14.04
C ALA B 203 17.56 0.54 -13.82
N GLY B 204 16.74 0.64 -12.79
CA GLY B 204 15.80 -0.41 -12.44
C GLY B 204 14.82 -0.70 -13.56
N ILE B 205 14.33 0.35 -14.20
CA ILE B 205 13.37 0.21 -15.30
C ILE B 205 14.04 -0.39 -16.55
N LEU B 206 15.17 0.17 -16.95
CA LEU B 206 15.87 -0.31 -18.14
C LEU B 206 16.30 -1.77 -17.96
N SER B 207 16.76 -2.11 -16.77
CA SER B 207 17.22 -3.47 -16.52
C SER B 207 16.06 -4.47 -16.54
N ALA B 208 14.98 -4.15 -15.82
CA ALA B 208 13.80 -5.01 -15.78
C ALA B 208 13.26 -5.28 -17.17
N LEU B 209 13.35 -4.28 -18.03
CA LEU B 209 12.81 -4.39 -19.38
C LEU B 209 13.76 -5.09 -20.35
N GLY B 210 14.95 -5.48 -19.87
CA GLY B 210 15.84 -6.29 -20.68
C GLY B 210 17.13 -5.63 -21.13
N SER B 211 17.34 -4.36 -20.79
CA SER B 211 18.60 -3.72 -21.13
C SER B 211 19.70 -4.25 -20.22
N LYS B 212 20.87 -4.49 -20.81
CA LYS B 212 22.04 -4.89 -20.05
C LYS B 212 22.53 -3.63 -19.35
N THR B 213 22.28 -3.54 -18.06
CA THR B 213 22.37 -2.26 -17.38
C THR B 213 23.47 -2.17 -16.33
N SER B 214 24.19 -1.05 -16.36
CA SER B 214 25.13 -0.71 -15.31
C SER B 214 24.70 0.61 -14.67
N LEU B 215 24.91 0.71 -13.37
CA LEU B 215 24.67 1.96 -12.65
C LEU B 215 25.99 2.40 -12.03
N MET B 216 26.49 3.56 -12.43
CA MET B 216 27.82 3.98 -12.00
C MET B 216 27.71 5.02 -10.89
N ILE B 217 28.26 4.69 -9.74
CA ILE B 217 28.14 5.52 -8.55
C ILE B 217 29.52 5.90 -8.01
N ARG B 218 29.58 7.05 -7.34
CA ARG B 218 30.85 7.61 -6.89
C ARG B 218 31.41 6.89 -5.66
N HIS B 219 30.53 6.26 -4.89
CA HIS B 219 30.95 5.55 -3.69
C HIS B 219 30.51 4.10 -3.72
N ASP B 220 30.11 3.56 -2.58
CA ASP B 220 29.80 2.13 -2.47
C ASP B 220 28.31 1.79 -2.54
N LYS B 221 27.45 2.77 -2.31
CA LYS B 221 26.01 2.52 -2.27
C LYS B 221 25.24 3.66 -2.91
N VAL B 222 24.02 3.35 -3.32
CA VAL B 222 23.11 4.37 -3.86
C VAL B 222 22.35 5.02 -2.70
N LEU B 223 21.73 6.17 -2.99
CA LEU B 223 20.81 6.79 -2.04
C LEU B 223 21.45 7.07 -0.71
N ARG B 224 22.69 7.53 -0.74
CA ARG B 224 23.45 7.76 0.48
C ARG B 224 22.84 8.80 1.42
N SER B 225 21.95 9.64 0.91
CA SER B 225 21.27 10.60 1.78
C SER B 225 20.11 9.95 2.55
N PHE B 226 19.69 8.76 2.13
CA PHE B 226 18.61 8.04 2.79
C PHE B 226 19.14 7.32 4.03
N ASP B 227 18.26 6.76 4.84
CA ASP B 227 18.71 5.95 5.98
C ASP B 227 19.66 4.87 5.50
N SER B 228 20.68 4.55 6.30
CA SER B 228 21.69 3.59 5.88
C SER B 228 21.11 2.21 5.56
N MET B 229 20.03 1.83 6.25
CA MET B 229 19.38 0.56 5.94
C MET B 229 18.86 0.55 4.51
N ILE B 230 18.28 1.67 4.09
CA ILE B 230 17.74 1.78 2.75
C ILE B 230 18.86 1.83 1.72
N SER B 231 19.87 2.65 2.01
CA SER B 231 21.00 2.77 1.11
C SER B 231 21.58 1.38 0.84
N THR B 232 21.78 0.62 1.91
CA THR B 232 22.39 -0.70 1.81
C THR B 232 21.46 -1.67 1.07
N ASN B 233 20.22 -1.77 1.53
CA ASN B 233 19.27 -2.69 0.93
C ASN B 233 19.01 -2.40 -0.55
N CYS B 234 18.84 -1.13 -0.87
CA CYS B 234 18.55 -0.76 -2.26
C CYS B 234 19.70 -1.14 -3.19
N THR B 235 20.92 -0.93 -2.76
CA THR B 235 22.09 -1.29 -3.56
C THR B 235 22.09 -2.78 -3.78
N GLU B 236 21.81 -3.53 -2.72
CA GLU B 236 21.83 -4.99 -2.80
C GLU B 236 20.74 -5.51 -3.73
N GLU B 237 19.54 -4.95 -3.60
CA GLU B 237 18.41 -5.37 -4.43
C GLU B 237 18.66 -5.04 -5.90
N LEU B 238 19.31 -3.91 -6.16
CA LEU B 238 19.71 -3.59 -7.52
C LEU B 238 20.60 -4.69 -8.08
N GLU B 239 21.58 -5.11 -7.29
CA GLU B 239 22.49 -6.16 -7.74
C GLU B 239 21.76 -7.48 -7.93
N ASN B 240 20.90 -7.84 -7.00
CA ASN B 240 20.12 -9.07 -7.11
C ASN B 240 19.27 -9.11 -8.37
N ALA B 241 18.87 -7.93 -8.83
CA ALA B 241 17.98 -7.83 -9.98
C ALA B 241 18.72 -7.77 -11.33
N GLY B 242 20.04 -7.88 -11.29
CA GLY B 242 20.82 -7.91 -12.52
C GLY B 242 21.43 -6.58 -12.93
N VAL B 243 21.21 -5.54 -12.14
CA VAL B 243 21.87 -4.26 -12.39
C VAL B 243 23.31 -4.34 -11.91
N GLU B 244 24.25 -4.07 -12.79
CA GLU B 244 25.64 -4.02 -12.40
C GLU B 244 25.94 -2.67 -11.77
N VAL B 245 26.24 -2.68 -10.48
CA VAL B 245 26.53 -1.45 -9.78
C VAL B 245 28.03 -1.21 -9.77
N LEU B 246 28.48 -0.20 -10.53
CA LEU B 246 29.90 0.08 -10.65
C LEU B 246 30.30 1.07 -9.56
N LYS B 247 30.88 0.54 -8.49
CA LYS B 247 31.18 1.34 -7.30
C LYS B 247 32.48 2.15 -7.42
N PHE B 248 32.51 3.28 -6.71
CA PHE B 248 33.66 4.17 -6.71
C PHE B 248 34.15 4.39 -8.12
N SER B 249 33.23 4.71 -9.01
CA SER B 249 33.54 4.85 -10.42
C SER B 249 32.95 6.12 -10.99
N GLN B 250 33.69 6.74 -11.90
CA GLN B 250 33.17 7.90 -12.59
C GLN B 250 33.68 7.96 -14.02
N VAL B 251 32.98 8.73 -14.84
CA VAL B 251 33.30 8.79 -16.25
C VAL B 251 34.43 9.78 -16.48
N LYS B 252 35.41 9.38 -17.28
CA LYS B 252 36.51 10.27 -17.65
C LYS B 252 36.28 10.81 -19.05
N GLU B 253 35.68 9.98 -19.90
CA GLU B 253 35.49 10.36 -21.29
C GLU B 253 34.47 9.44 -21.97
N VAL B 254 33.83 9.96 -23.00
CA VAL B 254 32.91 9.16 -23.79
C VAL B 254 33.27 9.36 -25.24
N LYS B 255 33.27 8.27 -26.00
CA LYS B 255 33.60 8.34 -27.41
C LYS B 255 32.55 7.62 -28.24
N LYS B 256 32.24 8.18 -29.39
CA LYS B 256 31.35 7.53 -30.34
C LYS B 256 32.13 6.43 -31.02
N THR B 257 31.59 5.21 -31.01
CA THR B 257 32.24 4.09 -31.67
C THR B 257 31.33 3.60 -32.79
N LEU B 258 31.75 2.52 -33.46
CA LEU B 258 30.98 1.94 -34.55
C LEU B 258 29.62 1.44 -34.08
N SER B 259 29.62 0.73 -32.95
CA SER B 259 28.40 0.08 -32.45
C SER B 259 27.56 0.99 -31.57
N GLY B 260 28.18 1.96 -30.91
CA GLY B 260 27.46 2.87 -30.04
C GLY B 260 28.37 3.88 -29.37
N LEU B 261 28.63 3.66 -28.08
CA LEU B 261 29.51 4.54 -27.32
C LEU B 261 30.52 3.72 -26.53
N GLU B 262 31.72 4.27 -26.38
CA GLU B 262 32.69 3.71 -25.45
C GLU B 262 32.78 4.64 -24.26
N VAL B 263 32.62 4.08 -23.07
CA VAL B 263 32.68 4.87 -21.86
C VAL B 263 33.94 4.54 -21.11
N SER B 264 34.86 5.49 -21.02
CA SER B 264 36.06 5.24 -20.24
C SER B 264 35.77 5.73 -18.84
N MET B 265 35.94 4.84 -17.87
CA MET B 265 35.69 5.19 -16.49
C MET B 265 36.91 4.88 -15.62
N VAL B 266 37.04 5.64 -14.54
CA VAL B 266 38.06 5.39 -13.53
C VAL B 266 37.39 4.86 -12.28
N THR B 267 37.88 3.73 -11.79
CA THR B 267 37.40 3.16 -10.55
C THR B 267 38.50 3.25 -9.50
N ALA B 268 38.16 3.81 -8.34
CA ALA B 268 39.12 4.01 -7.27
C ALA B 268 38.54 3.54 -5.94
N VAL B 269 38.51 2.22 -5.75
CA VAL B 269 38.04 1.63 -4.51
C VAL B 269 39.07 1.84 -3.40
N PRO B 270 38.62 2.29 -2.23
CA PRO B 270 39.53 2.49 -1.08
C PRO B 270 40.31 1.22 -0.78
N GLY B 271 41.61 1.35 -0.57
CA GLY B 271 42.45 0.19 -0.30
C GLY B 271 42.92 -0.48 -1.58
N ARG B 272 42.47 0.02 -2.71
CA ARG B 272 42.95 -0.49 -4.00
C ARG B 272 43.59 0.64 -4.78
N LEU B 273 44.16 0.30 -5.93
CA LEU B 273 44.68 1.32 -6.83
C LEU B 273 43.64 1.69 -7.86
N PRO B 274 43.63 2.96 -8.27
CA PRO B 274 42.76 3.43 -9.36
C PRO B 274 43.01 2.60 -10.61
N VAL B 275 41.93 2.27 -11.31
CA VAL B 275 42.06 1.53 -12.56
C VAL B 275 41.08 2.09 -13.58
N MET B 276 41.56 2.28 -14.80
CA MET B 276 40.71 2.77 -15.87
C MET B 276 40.17 1.59 -16.67
N THR B 277 38.86 1.61 -16.92
CA THR B 277 38.19 0.55 -17.67
C THR B 277 37.42 1.17 -18.83
N MET B 278 37.50 0.55 -20.00
CA MET B 278 36.70 0.97 -21.15
C MET B 278 35.44 0.13 -21.22
N ILE B 279 34.30 0.79 -21.20
CA ILE B 279 33.04 0.10 -21.41
C ILE B 279 32.59 0.31 -22.86
N PRO B 280 32.64 -0.75 -23.67
CA PRO B 280 32.31 -0.70 -25.09
C PRO B 280 30.84 -1.01 -25.34
N ASP B 281 30.36 -0.66 -26.53
CA ASP B 281 29.05 -1.12 -27.01
C ASP B 281 27.91 -0.62 -26.16
N VAL B 282 28.07 0.58 -25.60
CA VAL B 282 27.00 1.20 -24.84
C VAL B 282 26.05 1.91 -25.80
N ASP B 283 24.79 1.51 -25.76
CA ASP B 283 23.77 2.15 -26.59
C ASP B 283 23.24 3.41 -25.94
N CYS B 284 23.11 3.37 -24.62
CA CYS B 284 22.52 4.48 -23.91
C CYS B 284 23.34 4.86 -22.68
N LEU B 285 23.96 6.03 -22.71
CA LEU B 285 24.62 6.56 -21.53
C LEU B 285 23.72 7.64 -20.96
N LEU B 286 23.29 7.46 -19.73
CA LEU B 286 22.30 8.36 -19.14
C LEU B 286 22.86 9.08 -17.91
N TRP B 287 23.01 10.40 -18.02
CA TRP B 287 23.47 11.20 -16.88
C TRP B 287 22.31 11.47 -15.94
N ALA B 288 22.45 11.04 -14.70
CA ALA B 288 21.48 11.35 -13.65
C ALA B 288 22.23 11.76 -12.39
N ILE B 289 22.90 12.92 -12.49
CA ILE B 289 23.85 13.37 -11.49
C ILE B 289 23.42 14.67 -10.83
N GLY B 290 22.21 15.13 -11.11
CA GLY B 290 21.70 16.32 -10.46
C GLY B 290 20.77 17.15 -11.34
N ARG B 291 20.13 18.14 -10.72
CA ARG B 291 19.23 19.04 -11.44
C ARG B 291 19.74 20.46 -11.28
N VAL B 292 19.63 21.25 -12.34
CA VAL B 292 19.99 22.66 -12.26
C VAL B 292 18.72 23.50 -12.35
N PRO B 293 18.63 24.55 -11.52
CA PRO B 293 17.43 25.38 -11.51
C PRO B 293 17.28 26.15 -12.82
N ASN B 294 16.05 26.46 -13.19
CA ASN B 294 15.79 27.16 -14.43
C ASN B 294 15.69 28.66 -14.19
N THR B 295 16.83 29.35 -14.11
CA THR B 295 16.84 30.77 -13.78
C THR B 295 17.75 31.61 -14.68
N LYS B 296 18.65 30.94 -15.40
CA LYS B 296 19.64 31.61 -16.25
C LYS B 296 19.08 32.75 -17.10
N ASP B 297 17.93 32.53 -17.74
CA ASP B 297 17.37 33.54 -18.64
C ASP B 297 16.18 34.32 -18.07
N LEU B 298 16.09 34.41 -16.75
CA LEU B 298 15.00 35.13 -16.10
C LEU B 298 15.29 36.61 -15.94
N SER B 299 16.53 37.00 -16.21
CA SER B 299 16.96 38.38 -15.95
C SER B 299 16.70 38.75 -14.49
N LEU B 300 16.94 37.80 -13.60
CA LEU B 300 16.82 38.04 -12.16
C LEU B 300 17.62 39.25 -11.70
N ASN B 301 18.77 39.46 -12.33
CA ASN B 301 19.66 40.55 -11.95
C ASN B 301 19.02 41.93 -12.15
N LYS B 302 18.08 42.03 -13.07
CA LYS B 302 17.43 43.32 -13.33
C LYS B 302 16.70 43.84 -12.11
N LEU B 303 16.41 42.96 -11.16
CA LEU B 303 15.70 43.36 -9.96
C LEU B 303 16.49 43.01 -8.70
N GLY B 304 17.69 42.49 -8.89
CA GLY B 304 18.51 42.07 -7.76
C GLY B 304 17.91 40.91 -6.99
N ILE B 305 17.18 40.04 -7.68
CA ILE B 305 16.63 38.85 -7.03
C ILE B 305 17.76 37.88 -6.67
N GLN B 306 17.80 37.47 -5.42
CA GLN B 306 18.93 36.72 -4.87
C GLN B 306 18.93 35.24 -5.24
N THR B 307 20.08 34.73 -5.66
CA THR B 307 20.25 33.31 -5.91
C THR B 307 21.49 32.79 -5.20
N ASP B 308 21.62 31.46 -5.14
CA ASP B 308 22.87 30.88 -4.64
C ASP B 308 23.80 30.68 -5.83
N ASP B 309 24.96 30.07 -5.60
CA ASP B 309 25.93 29.93 -6.68
C ASP B 309 25.49 28.91 -7.74
N LYS B 310 24.50 28.10 -7.40
CA LYS B 310 23.92 27.16 -8.38
C LYS B 310 22.75 27.77 -9.15
N GLY B 311 22.36 29.00 -8.81
CA GLY B 311 21.28 29.64 -9.51
C GLY B 311 19.90 29.39 -8.91
N HIS B 312 19.86 28.74 -7.74
CA HIS B 312 18.61 28.55 -7.04
C HIS B 312 18.13 29.90 -6.52
N ILE B 313 16.83 30.15 -6.61
CA ILE B 313 16.27 31.36 -6.03
C ILE B 313 16.18 31.20 -4.52
N ILE B 314 16.64 32.20 -3.78
CA ILE B 314 16.65 32.12 -2.33
C ILE B 314 15.31 32.63 -1.79
N VAL B 315 14.73 31.90 -0.84
CA VAL B 315 13.48 32.31 -0.24
C VAL B 315 13.51 32.12 1.26
N ASP B 316 12.63 32.82 1.97
CA ASP B 316 12.43 32.54 3.38
C ASP B 316 11.39 31.43 3.52
N GLU B 317 10.93 31.19 4.75
CA GLU B 317 9.99 30.10 5.02
C GLU B 317 8.60 30.34 4.39
N PHE B 318 8.35 31.58 3.98
CA PHE B 318 7.08 31.92 3.34
C PHE B 318 7.23 32.02 1.82
N GLN B 319 8.35 31.53 1.31
CA GLN B 319 8.62 31.54 -0.13
C GLN B 319 8.83 32.95 -0.70
N ASN B 320 9.03 33.94 0.18
CA ASN B 320 9.45 35.27 -0.26
C ASN B 320 10.87 35.25 -0.79
N THR B 321 11.08 35.86 -1.96
CA THR B 321 12.44 36.18 -2.38
C THR B 321 12.93 37.37 -1.56
N ASN B 322 14.10 37.90 -1.91
CA ASN B 322 14.63 39.07 -1.20
C ASN B 322 13.91 40.32 -1.67
N VAL B 323 13.11 40.18 -2.72
CA VAL B 323 12.40 41.31 -3.31
C VAL B 323 10.89 41.26 -3.02
N LYS B 324 10.37 42.35 -2.46
CA LYS B 324 8.94 42.46 -2.16
C LYS B 324 8.04 42.19 -3.38
N GLY B 325 7.01 41.38 -3.18
CA GLY B 325 6.06 41.08 -4.23
C GLY B 325 6.52 39.99 -5.18
N ILE B 326 7.69 39.42 -4.90
CA ILE B 326 8.21 38.33 -5.72
C ILE B 326 8.49 37.09 -4.87
N TYR B 327 7.97 35.95 -5.31
CA TYR B 327 8.07 34.71 -4.54
C TYR B 327 8.59 33.61 -5.42
N ALA B 328 8.97 32.49 -4.81
CA ALA B 328 9.42 31.33 -5.56
C ALA B 328 9.08 30.04 -4.81
N VAL B 329 8.63 29.04 -5.54
CA VAL B 329 8.35 27.74 -4.94
C VAL B 329 8.82 26.66 -5.89
N GLY B 330 9.05 25.47 -5.35
CA GLY B 330 9.36 24.31 -6.16
C GLY B 330 10.84 24.12 -6.43
N ASP B 331 11.14 23.35 -7.47
CA ASP B 331 12.50 22.93 -7.78
C ASP B 331 13.46 24.11 -7.97
N VAL B 332 12.93 25.25 -8.36
CA VAL B 332 13.77 26.41 -8.62
C VAL B 332 14.46 26.91 -7.37
N CYS B 333 13.93 26.53 -6.21
CA CYS B 333 14.52 26.91 -4.93
C CYS B 333 15.45 25.83 -4.39
N GLY B 334 15.43 24.66 -5.02
CA GLY B 334 16.42 23.63 -4.76
C GLY B 334 16.24 22.83 -3.48
N LYS B 335 15.08 22.94 -2.86
CA LYS B 335 14.82 22.21 -1.62
C LYS B 335 13.64 21.25 -1.75
N ALA B 336 13.88 19.98 -1.49
CA ALA B 336 12.84 18.95 -1.55
C ALA B 336 12.15 18.94 -2.91
N LEU B 337 12.87 18.46 -3.92
CA LEU B 337 12.44 18.56 -5.31
C LEU B 337 11.39 17.49 -5.61
N LEU B 338 10.16 17.76 -5.19
CA LEU B 338 9.06 16.82 -5.34
C LEU B 338 7.82 17.57 -5.79
N THR B 339 7.00 16.91 -6.58
CA THR B 339 5.81 17.55 -7.10
C THR B 339 4.86 18.01 -5.99
N PRO B 340 4.55 17.12 -5.04
CA PRO B 340 3.60 17.49 -3.98
C PRO B 340 4.11 18.63 -3.09
N VAL B 341 5.42 18.83 -3.09
CA VAL B 341 6.01 19.88 -2.28
C VAL B 341 5.82 21.22 -2.97
N ALA B 342 6.09 21.27 -4.27
CA ALA B 342 5.85 22.47 -5.04
C ALA B 342 4.36 22.83 -4.94
N ILE B 343 3.50 21.84 -5.09
CA ILE B 343 2.05 22.05 -4.99
C ILE B 343 1.64 22.63 -3.64
N ALA B 344 2.11 22.01 -2.56
CA ALA B 344 1.72 22.45 -1.22
C ALA B 344 2.26 23.84 -0.88
N ALA B 345 3.52 24.10 -1.21
CA ALA B 345 4.11 25.42 -1.01
C ALA B 345 3.36 26.46 -1.85
N GLY B 346 2.99 26.07 -3.07
CA GLY B 346 2.23 26.94 -3.95
C GLY B 346 0.87 27.30 -3.41
N ARG B 347 0.15 26.30 -2.91
CA ARG B 347 -1.17 26.53 -2.34
C ARG B 347 -1.11 27.31 -1.02
N LYS B 348 -0.13 26.99 -0.18
CA LYS B 348 0.05 27.72 1.07
C LYS B 348 0.30 29.19 0.77
N LEU B 349 1.11 29.44 -0.26
CA LEU B 349 1.43 30.80 -0.67
C LEU B 349 0.17 31.53 -1.11
N ALA B 350 -0.63 30.89 -1.96
CA ALA B 350 -1.89 31.46 -2.41
C ALA B 350 -2.75 31.88 -1.22
N HIS B 351 -2.86 31.00 -0.23
CA HIS B 351 -3.68 31.30 0.95
C HIS B 351 -3.14 32.49 1.74
N ARG B 352 -1.82 32.60 1.82
CA ARG B 352 -1.20 33.72 2.51
C ARG B 352 -1.48 35.04 1.79
N LEU B 353 -1.30 35.05 0.48
CA LEU B 353 -1.43 36.29 -0.29
C LEU B 353 -2.87 36.69 -0.55
N PHE B 354 -3.74 35.70 -0.78
CA PHE B 354 -5.09 36.00 -1.25
C PHE B 354 -6.19 35.64 -0.26
N GLU B 355 -5.83 34.94 0.80
CA GLU B 355 -6.74 34.80 1.94
C GLU B 355 -6.15 35.49 3.17
N TYR B 356 -5.06 36.21 2.97
CA TYR B 356 -4.42 36.97 4.04
C TYR B 356 -4.13 36.15 5.29
N LYS B 357 -3.81 34.87 5.10
CA LYS B 357 -3.42 34.01 6.20
C LYS B 357 -1.92 34.13 6.42
N GLU B 358 -1.53 35.05 7.28
CA GLU B 358 -0.12 35.42 7.44
C GLU B 358 0.75 34.26 7.89
N ASP B 359 0.14 33.27 8.53
CA ASP B 359 0.89 32.12 9.05
C ASP B 359 0.89 30.96 8.06
N SER B 360 0.33 31.18 6.87
CA SER B 360 0.21 30.10 5.90
C SER B 360 1.54 29.83 5.19
N LYS B 361 2.10 28.66 5.44
CA LYS B 361 3.36 28.27 4.81
C LYS B 361 3.47 26.76 4.86
N LEU B 362 4.39 26.21 4.07
CA LEU B 362 4.64 24.77 4.08
C LEU B 362 5.64 24.36 5.15
N ASP B 363 5.28 23.33 5.92
CA ASP B 363 6.21 22.71 6.84
C ASP B 363 7.05 21.70 6.05
N TYR B 364 8.35 21.93 5.98
CA TYR B 364 9.23 21.06 5.19
C TYR B 364 9.75 19.85 5.96
N ASN B 365 9.30 19.69 7.20
CA ASN B 365 9.64 18.49 7.97
C ASN B 365 8.62 17.40 7.70
N ASN B 366 9.06 16.15 7.79
CA ASN B 366 8.18 15.00 7.61
C ASN B 366 7.46 14.94 6.26
N ILE B 367 8.15 15.37 5.22
CA ILE B 367 7.68 15.17 3.86
C ILE B 367 8.03 13.75 3.45
N PRO B 368 7.04 12.95 3.03
CA PRO B 368 7.30 11.56 2.65
C PRO B 368 7.81 11.45 1.23
N THR B 369 8.64 10.44 0.97
CA THR B 369 9.13 10.17 -0.36
C THR B 369 9.02 8.70 -0.66
N VAL B 370 8.69 8.39 -1.92
CA VAL B 370 8.78 7.04 -2.44
C VAL B 370 9.81 7.01 -3.57
N VAL B 371 10.67 6.01 -3.56
CA VAL B 371 11.55 5.78 -4.69
C VAL B 371 11.04 4.52 -5.39
N PHE B 372 10.80 4.63 -6.68
CA PHE B 372 10.25 3.52 -7.43
C PHE B 372 11.36 2.63 -7.94
N SER B 373 12.05 2.01 -7.00
CA SER B 373 12.99 0.97 -7.32
C SER B 373 12.18 -0.33 -7.32
N HIS B 374 12.88 -1.45 -7.24
CA HIS B 374 12.25 -2.76 -7.24
C HIS B 374 12.86 -3.61 -6.13
N PRO B 375 12.15 -3.77 -5.00
CA PRO B 375 10.83 -3.19 -4.67
C PRO B 375 10.91 -1.72 -4.34
N PRO B 376 9.76 -1.04 -4.25
CA PRO B 376 9.72 0.40 -4.00
C PRO B 376 10.22 0.75 -2.60
N ILE B 377 10.70 1.97 -2.45
CA ILE B 377 11.17 2.48 -1.17
C ILE B 377 10.20 3.52 -0.65
N GLY B 378 9.93 3.48 0.65
CA GLY B 378 9.12 4.51 1.28
C GLY B 378 9.88 5.08 2.47
N THR B 379 9.94 6.41 2.56
CA THR B 379 10.61 7.01 3.71
C THR B 379 9.96 8.31 4.14
N VAL B 380 9.92 8.53 5.45
CA VAL B 380 9.49 9.82 5.99
C VAL B 380 10.20 10.10 7.31
N GLY B 381 10.52 11.36 7.55
CA GLY B 381 11.17 11.74 8.80
C GLY B 381 12.68 11.57 8.74
N LEU B 382 13.29 11.42 9.91
CA LEU B 382 14.74 11.42 10.05
C LEU B 382 15.35 10.03 9.87
N THR B 383 16.51 9.98 9.23
CA THR B 383 17.29 8.75 9.24
C THR B 383 17.70 8.49 10.68
N GLU B 384 18.22 7.30 10.95
CA GLU B 384 18.69 6.99 12.29
C GLU B 384 19.81 7.94 12.69
N ASP B 385 20.73 8.21 11.76
CA ASP B 385 21.86 9.10 12.03
C ASP B 385 21.38 10.52 12.28
N GLU B 386 20.43 10.98 11.47
CA GLU B 386 19.87 12.31 11.69
C GLU B 386 19.23 12.42 13.08
N ALA B 387 18.50 11.39 13.49
CA ALA B 387 17.88 11.39 14.81
C ALA B 387 18.95 11.39 15.89
N ILE B 388 19.97 10.56 15.69
CA ILE B 388 21.06 10.48 16.65
C ILE B 388 21.68 11.87 16.84
N HIS B 389 21.98 12.55 15.74
CA HIS B 389 22.59 13.87 15.85
C HIS B 389 21.68 14.88 16.53
N LYS B 390 20.39 14.80 16.24
CA LYS B 390 19.46 15.79 16.75
C LYS B 390 19.05 15.58 18.21
N TYR B 391 18.95 14.32 18.62
CA TYR B 391 18.41 14.02 19.95
C TYR B 391 19.48 13.52 20.90
N GLY B 392 20.57 13.01 20.35
CA GLY B 392 21.59 12.34 21.14
C GLY B 392 21.40 10.83 21.10
N ILE B 393 22.51 10.12 20.90
CA ILE B 393 22.48 8.68 20.73
C ILE B 393 21.80 7.96 21.90
N GLU B 394 21.81 8.60 23.06
CA GLU B 394 21.23 8.02 24.26
C GLU B 394 19.71 8.14 24.23
N ASN B 395 19.21 9.01 23.36
CA ASN B 395 17.78 9.29 23.30
C ASN B 395 17.10 8.78 22.04
N VAL B 396 17.83 7.98 21.27
CA VAL B 396 17.26 7.36 20.09
C VAL B 396 17.20 5.83 20.21
N LYS B 397 16.05 5.28 19.85
CA LYS B 397 15.85 3.84 19.86
C LYS B 397 15.24 3.46 18.53
N THR B 398 15.90 2.57 17.79
CA THR B 398 15.33 2.13 16.52
C THR B 398 14.80 0.70 16.60
N TYR B 399 13.71 0.47 15.88
CA TYR B 399 13.18 -0.86 15.70
C TYR B 399 13.24 -1.18 14.22
N SER B 400 13.60 -2.41 13.89
CA SER B 400 13.71 -2.78 12.51
C SER B 400 13.36 -4.24 12.34
N THR B 401 12.96 -4.61 11.13
CA THR B 401 12.73 -6.00 10.81
C THR B 401 13.11 -6.24 9.35
N SER B 402 13.37 -7.50 9.04
CA SER B 402 13.65 -7.90 7.68
C SER B 402 12.95 -9.23 7.44
N PHE B 403 12.15 -9.31 6.37
CA PHE B 403 11.45 -10.54 6.07
C PHE B 403 11.25 -10.66 4.57
N THR B 404 10.91 -11.87 4.14
CA THR B 404 10.50 -12.12 2.76
C THR B 404 8.98 -12.15 2.74
N PRO B 405 8.36 -11.23 1.97
CA PRO B 405 6.90 -11.16 1.91
C PRO B 405 6.31 -12.49 1.44
N MET B 406 5.20 -12.91 2.04
CA MET B 406 4.61 -14.20 1.71
C MET B 406 4.22 -14.31 0.23
N TYR B 407 4.20 -13.20 -0.48
CA TYR B 407 4.08 -13.27 -1.93
C TYR B 407 5.12 -14.23 -2.51
N HIS B 408 6.33 -14.24 -1.92
CA HIS B 408 7.43 -15.03 -2.44
C HIS B 408 7.50 -16.43 -1.83
N ALA B 409 6.52 -16.75 -0.98
CA ALA B 409 6.49 -18.07 -0.34
C ALA B 409 6.47 -19.18 -1.39
N VAL B 410 6.00 -18.85 -2.59
CA VAL B 410 5.88 -19.86 -3.64
C VAL B 410 6.75 -19.60 -4.87
N THR B 411 7.64 -18.62 -4.81
CA THR B 411 8.47 -18.28 -5.96
C THR B 411 9.96 -18.57 -5.74
N LYS B 412 10.68 -18.85 -6.82
CA LYS B 412 12.12 -19.05 -6.74
C LYS B 412 12.83 -17.70 -6.65
N ARG B 413 12.24 -16.70 -7.29
CA ARG B 413 12.74 -15.33 -7.23
C ARG B 413 12.36 -14.74 -5.88
N LYS B 414 13.27 -13.96 -5.29
CA LYS B 414 13.02 -13.36 -3.99
C LYS B 414 13.28 -11.87 -3.98
N THR B 415 12.48 -11.14 -3.22
CA THR B 415 12.84 -9.78 -2.82
C THR B 415 12.64 -9.71 -1.32
N LYS B 416 13.28 -8.75 -0.69
CA LYS B 416 13.18 -8.60 0.74
C LYS B 416 12.26 -7.43 1.07
N CYS B 417 11.76 -7.41 2.29
CA CYS B 417 11.13 -6.21 2.82
C CYS B 417 11.90 -5.82 4.07
N VAL B 418 12.38 -4.58 4.12
CA VAL B 418 13.06 -4.10 5.30
C VAL B 418 12.30 -2.89 5.81
N MET B 419 12.14 -2.82 7.13
CA MET B 419 11.44 -1.72 7.77
C MET B 419 12.23 -1.25 8.99
N LYS B 420 12.34 0.07 9.14
CA LYS B 420 12.99 0.63 10.31
C LYS B 420 12.14 1.76 10.85
N MET B 421 11.91 1.73 12.15
CA MET B 421 11.21 2.82 12.82
C MET B 421 12.22 3.51 13.74
N VAL B 422 12.36 4.82 13.59
CA VAL B 422 13.29 5.57 14.44
C VAL B 422 12.53 6.35 15.50
N CYS B 423 12.81 6.02 16.77
CA CYS B 423 12.11 6.63 17.89
C CYS B 423 13.02 7.52 18.74
N ALA B 424 12.47 8.62 19.25
CA ALA B 424 13.24 9.57 20.04
C ALA B 424 12.61 9.84 21.41
N ASN B 425 13.46 9.96 22.42
CA ASN B 425 13.03 10.30 23.78
C ASN B 425 12.23 9.21 24.48
N LYS B 426 11.83 9.48 25.72
CA LYS B 426 11.18 8.49 26.57
C LYS B 426 9.87 7.99 25.99
N GLU B 427 9.09 8.91 25.42
CA GLU B 427 7.80 8.58 24.84
C GLU B 427 7.95 7.73 23.57
N GLU B 428 9.18 7.61 23.08
CA GLU B 428 9.45 6.94 21.81
C GLU B 428 8.59 7.52 20.67
N LYS B 429 8.72 8.82 20.48
CA LYS B 429 8.10 9.50 19.37
C LYS B 429 8.66 8.92 18.09
N VAL B 430 7.80 8.60 17.14
CA VAL B 430 8.27 8.10 15.85
C VAL B 430 8.74 9.26 15.00
N VAL B 431 10.05 9.41 14.87
CA VAL B 431 10.58 10.56 14.12
C VAL B 431 11.09 10.14 12.75
N GLY B 432 11.06 8.83 12.50
CA GLY B 432 11.46 8.32 11.21
C GLY B 432 10.84 6.96 10.92
N ILE B 433 10.42 6.76 9.67
CA ILE B 433 10.01 5.46 9.17
C ILE B 433 10.65 5.23 7.80
N HIS B 434 11.32 4.10 7.62
CA HIS B 434 12.04 3.82 6.39
C HIS B 434 11.82 2.39 5.98
N MET B 435 11.58 2.16 4.69
CA MET B 435 11.27 0.81 4.27
C MET B 435 11.46 0.62 2.79
N GLN B 436 11.77 -0.63 2.43
CA GLN B 436 11.77 -1.04 1.05
C GLN B 436 11.11 -2.40 0.97
N GLY B 437 10.25 -2.60 -0.02
CA GLY B 437 9.61 -3.88 -0.19
C GLY B 437 8.31 -3.75 -0.97
N LEU B 438 7.75 -4.89 -1.36
CA LEU B 438 6.51 -4.94 -2.13
C LEU B 438 5.42 -4.15 -1.43
N GLY B 439 4.70 -3.31 -2.18
CA GLY B 439 3.61 -2.54 -1.62
C GLY B 439 4.00 -1.30 -0.85
N CYS B 440 5.29 -1.11 -0.61
CA CYS B 440 5.74 0.02 0.20
C CYS B 440 5.42 1.39 -0.41
N ASP B 441 5.27 1.45 -1.73
CA ASP B 441 4.84 2.70 -2.37
C ASP B 441 3.47 3.20 -1.91
N GLU B 442 2.51 2.29 -1.75
CA GLU B 442 1.15 2.65 -1.37
C GLU B 442 0.97 2.62 0.15
N MET B 443 1.97 2.05 0.82
CA MET B 443 1.94 1.86 2.27
C MET B 443 2.27 3.11 3.07
N LEU B 444 3.12 3.97 2.50
CA LEU B 444 3.74 5.07 3.24
C LEU B 444 2.79 6.18 3.68
N GLN B 445 1.87 6.56 2.80
CA GLN B 445 1.07 7.79 3.01
C GLN B 445 0.41 7.88 4.38
N GLY B 446 -0.27 6.80 4.78
CA GLY B 446 -0.95 6.78 6.06
C GLY B 446 0.01 6.92 7.23
N PHE B 447 1.14 6.23 7.16
CA PHE B 447 2.14 6.33 8.21
C PHE B 447 2.74 7.74 8.27
N ALA B 448 2.81 8.40 7.12
CA ALA B 448 3.29 9.77 7.08
C ALA B 448 2.31 10.69 7.82
N VAL B 449 1.01 10.45 7.66
CA VAL B 449 0.02 11.20 8.42
C VAL B 449 0.21 11.01 9.93
N ALA B 450 0.45 9.77 10.34
CA ALA B 450 0.67 9.45 11.74
C ALA B 450 1.93 10.14 12.27
N VAL B 451 3.01 10.07 11.50
CA VAL B 451 4.26 10.69 11.92
C VAL B 451 4.12 12.20 12.01
N LYS B 452 3.44 12.80 11.04
CA LYS B 452 3.14 14.22 11.09
C LYS B 452 2.40 14.58 12.37
N MET B 453 1.49 13.72 12.79
CA MET B 453 0.69 13.95 14.00
C MET B 453 1.51 13.80 15.27
N GLY B 454 2.72 13.29 15.15
CA GLY B 454 3.58 13.10 16.31
C GLY B 454 3.34 11.77 16.99
N ALA B 455 3.01 10.76 16.20
CA ALA B 455 2.76 9.43 16.76
C ALA B 455 3.96 8.92 17.56
N THR B 456 3.66 8.20 18.63
CA THR B 456 4.69 7.52 19.41
C THR B 456 4.61 6.06 19.01
N LYS B 457 5.54 5.25 19.52
CA LYS B 457 5.51 3.82 19.18
C LYS B 457 4.28 3.13 19.77
N ALA B 458 3.80 3.62 20.91
CA ALA B 458 2.60 3.04 21.51
C ALA B 458 1.38 3.27 20.61
N ASP B 459 1.35 4.42 19.93
CA ASP B 459 0.29 4.68 18.96
C ASP B 459 0.26 3.61 17.86
N PHE B 460 1.44 3.24 17.36
CA PHE B 460 1.54 2.19 16.36
C PHE B 460 1.10 0.87 16.97
N ASP B 461 1.65 0.54 18.12
CA ASP B 461 1.41 -0.74 18.77
C ASP B 461 -0.05 -0.89 19.20
N ASN B 462 -0.72 0.23 19.48
CA ASN B 462 -2.12 0.21 19.87
C ASN B 462 -3.05 0.07 18.66
N THR B 463 -2.46 0.07 17.47
CA THR B 463 -3.26 -0.09 16.25
C THR B 463 -3.26 -1.55 15.84
N VAL B 464 -4.46 -2.12 15.75
CA VAL B 464 -4.59 -3.51 15.39
C VAL B 464 -4.06 -3.72 13.98
N ALA B 465 -3.37 -4.85 13.80
CA ALA B 465 -2.75 -5.20 12.53
C ALA B 465 -3.77 -5.61 11.48
N ILE B 466 -3.36 -5.48 10.22
CA ILE B 466 -4.14 -6.00 9.10
C ILE B 466 -3.37 -7.18 8.53
N HIS B 467 -4.01 -8.33 8.51
CA HIS B 467 -3.34 -9.59 8.21
C HIS B 467 -4.08 -10.34 7.11
N PRO B 468 -3.34 -10.94 6.17
CA PRO B 468 -1.88 -10.89 6.03
C PRO B 468 -1.45 -9.79 5.08
N THR B 469 -0.64 -8.86 5.55
CA THR B 469 -0.07 -7.84 4.69
C THR B 469 1.37 -7.64 5.12
N SER B 470 2.13 -6.88 4.35
CA SER B 470 3.45 -6.47 4.80
C SER B 470 3.29 -5.34 5.79
N SER B 471 2.27 -4.50 5.57
CA SER B 471 2.11 -3.27 6.33
C SER B 471 1.97 -3.52 7.83
N GLU B 472 1.35 -4.64 8.19
CA GLU B 472 1.16 -4.98 9.60
C GLU B 472 2.46 -5.05 10.38
N GLU B 473 3.57 -5.32 9.71
CA GLU B 473 4.86 -5.44 10.39
C GLU B 473 5.29 -4.13 11.06
N LEU B 474 4.81 -3.01 10.54
CA LEU B 474 5.13 -1.70 11.13
C LEU B 474 4.40 -1.43 12.44
N VAL B 475 3.29 -2.13 12.69
CA VAL B 475 2.57 -1.95 13.95
C VAL B 475 2.79 -3.11 14.93
N THR B 476 3.74 -3.99 14.60
CA THR B 476 4.07 -5.08 15.52
C THR B 476 5.57 -5.27 15.66
N LEU B 477 6.34 -4.18 15.50
CA LEU B 477 7.78 -4.23 15.73
C LEU B 477 8.05 -4.37 17.21
N ARG B 478 9.08 -5.12 17.56
CA ARG B 478 9.44 -5.26 18.96
C ARG B 478 10.95 -5.08 19.17
PA FAD C . -8.47 -20.42 15.49
O1A FAD C . -7.27 -19.62 14.71
O2A FAD C . -9.39 -21.11 14.59
O5B FAD C . -7.74 -21.48 16.52
C5B FAD C . -8.56 -22.28 17.33
C4B FAD C . -7.94 -23.64 17.56
O4B FAD C . -8.43 -24.47 18.66
C3B FAD C . -7.80 -24.64 16.35
O3B FAD C . -6.49 -24.88 15.88
C2B FAD C . -8.64 -25.87 16.78
O2B FAD C . -8.33 -27.09 16.13
C1B FAD C . -8.43 -25.81 18.26
N9A FAD C . -9.52 -26.37 19.05
C8A FAD C . -10.83 -26.06 18.98
N7A FAD C . -11.51 -26.77 20.07
C5A FAD C . -10.53 -27.47 20.77
C6A FAD C . -10.61 -28.31 21.89
N6A FAD C . -11.91 -28.54 22.54
N1A FAD C . -9.45 -28.90 22.38
C2A FAD C . -8.18 -28.66 21.76
N3A FAD C . -8.11 -27.85 20.66
C4A FAD C . -9.29 -27.24 20.16
N1 FAD C . -8.58 -13.04 9.56
C2 FAD C . -7.74 -11.94 9.26
O2 FAD C . -7.38 -11.08 10.31
N3 FAD C . -7.27 -11.73 7.92
C4 FAD C . -7.66 -12.66 6.84
O4 FAD C . -7.19 -12.50 5.54
C4X FAD C . -8.52 -13.78 7.14
N5 FAD C . -8.92 -14.70 6.12
C5X FAD C . -9.77 -15.80 6.44
C6 FAD C . -10.19 -16.77 5.38
C7 FAD C . -11.05 -17.87 5.73
C7M FAD C . -11.52 -18.83 4.62
C8 FAD C . -11.48 -18.06 7.08
C8M FAD C . -12.36 -19.26 7.44
C9 FAD C . -11.07 -17.12 8.13
C9A FAD C . -10.21 -15.99 7.76
N10 FAD C . -9.79 -15.05 8.77
C10 FAD C . -8.96 -13.97 8.45
C1' FAD C . -10.23 -15.13 10.15
C2' FAD C . -9.33 -16.04 11.03
O2' FAD C . -8.76 -16.98 10.54
C3' FAD C . -9.82 -16.12 12.49
O3' FAD C . -10.35 -14.92 12.94
C4' FAD C . -8.72 -16.63 13.45
O4' FAD C . -8.21 -17.90 13.09
C5' FAD C . -9.28 -16.58 14.90
O5' FAD C . -8.35 -16.95 15.88
P FAD C . -8.85 -18.02 17.05
O1P FAD C . -7.54 -18.23 18.04
O2P FAD C . -10.01 -17.42 17.74
O3P FAD C . -9.41 -19.41 16.39
S SO4 D . -32.34 -11.28 5.72
O1 SO4 D . -33.41 -12.29 5.59
O2 SO4 D . -31.30 -11.56 4.73
O3 SO4 D . -31.76 -11.33 7.05
O4 SO4 D . -32.92 -9.96 5.50
S SO4 E . -26.75 -10.71 3.51
O1 SO4 E . -26.10 -9.44 3.80
O2 SO4 E . -28.02 -10.77 4.23
O3 SO4 E . -26.97 -10.85 2.08
O4 SO4 E . -25.90 -11.81 3.98
C4 3J8 F . 1.44 -6.72 -11.02
C5 3J8 F . 1.65 -6.22 -12.39
C6 3J8 F . 1.75 -4.76 -12.52
C10 3J8 F . 1.04 -7.69 -8.48
C13 3J8 F . 0.76 -9.67 -7.10
C15 3J8 F . 1.07 -9.99 -9.55
C1 3J8 F . 1.64 -3.93 -11.43
C2 3J8 F . 1.44 -4.41 -10.12
C3 3J8 F . 1.33 -5.80 -9.91
N7 3J8 F . 1.14 -6.34 -8.67
N8 3J8 F . 1.35 -8.01 -10.84
C9 3J8 F . 1.16 -8.53 -9.66
C11 3J8 F . 0.84 -8.28 -7.22
C14 3J8 F . 0.86 -10.51 -8.18
C16 3J8 F . 1.02 -5.43 -7.50
O19 3J8 F . 1.74 -6.92 -13.35
H11 3J8 F . 0.75 -7.68 -6.33
H1 3J8 F . 1.72 -2.86 -11.57
H2 3J8 F . 1.36 -3.71 -9.33
H6 3J8 F . 1.90 -4.37 -13.50
H13 3J8 F . 0.60 -10.09 -6.12
H14 3J8 F . 0.79 -11.57 -8.08
H16 3J8 F . -0.01 -5.12 -7.38
H16A 3J8 F . 1.36 -5.95 -6.62
H16B 3J8 F . 1.65 -4.58 -7.65
H15 3J8 F . 1.16 -10.64 -10.39
C1 GOL G . -6.37 -7.07 -9.07
O1 GOL G . -6.83 -7.39 -7.78
C2 GOL G . -7.11 -6.38 -9.92
O2 GOL G . -8.50 -6.54 -9.95
C3 GOL G . -6.52 -5.72 -10.89
O3 GOL G . -5.14 -5.86 -11.11
PA FAD H . 8.15 22.15 -13.10
O1A FAD H . 7.02 21.03 -12.74
O2A FAD H . 9.28 21.62 -13.86
O5B FAD H . 7.40 23.34 -13.96
C5B FAD H . 8.17 24.44 -14.34
C4B FAD H . 7.68 25.05 -15.64
O4B FAD H . 8.11 26.41 -15.97
C3B FAD H . 7.86 24.24 -16.98
O3B FAD H . 6.69 23.70 -17.54
C2B FAD H . 8.77 25.14 -17.84
O2B FAD H . 8.70 24.91 -19.25
C1B FAD H . 8.35 26.48 -17.36
N9A FAD H . 9.35 27.52 -17.46
C8A FAD H . 10.62 27.53 -16.98
N7A FAD H . 11.16 28.86 -17.20
C5A FAD H . 10.17 29.64 -17.80
C6A FAD H . 10.14 30.97 -18.22
N6A FAD H . 11.32 31.83 -18.04
N1A FAD H . 8.99 31.49 -18.81
C2A FAD H . 7.83 30.67 -18.99
N3A FAD H . 7.85 29.36 -18.57
C4A FAD H . 9.03 28.85 -17.97
N1 FAD H . 8.37 14.16 -7.99
C2 FAD H . 7.46 13.42 -7.19
O2 FAD H . 6.82 14.10 -6.14
N3 FAD H . 7.22 12.04 -7.47
C4 FAD H . 7.92 11.37 -8.58
O4 FAD H . 7.70 10.02 -8.88
C4X FAD H . 8.86 12.13 -9.39
N5 FAD H . 9.56 11.51 -10.49
C5X FAD H . 10.46 12.30 -11.26
C6 FAD H . 11.19 11.67 -12.39
C7 FAD H . 12.11 12.46 -13.16
C7M FAD H . 12.89 11.78 -14.31
C8 FAD H . 12.31 13.84 -12.87
C8M FAD H . 13.26 14.69 -13.73
C9 FAD H . 11.60 14.47 -11.77
C9A FAD H . 10.67 13.66 -10.97
N10 FAD H . 9.96 14.26 -9.86
C10 FAD H . 9.08 13.49 -9.10
C1' FAD H . 10.16 15.65 -9.45
C2' FAD H . 9.22 16.66 -10.15
O2' FAD H . 8.84 16.46 -11.26
C3' FAD H . 9.50 18.11 -9.75
O3' FAD H . 9.81 18.24 -8.39
C4' FAD H . 8.34 19.05 -10.18
O4' FAD H . 8.05 19.03 -11.57
C5' FAD H . 8.61 20.46 -9.60
O5' FAD H . 7.55 21.37 -9.81
P FAD H . 7.94 22.89 -10.34
O1P FAD H . 6.50 23.69 -10.44
O2P FAD H . 8.83 23.51 -9.35
O3P FAD H . 8.80 22.80 -11.75
S SO4 I . 32.05 13.07 -3.25
O1 SO4 I . 33.25 13.32 -4.06
O2 SO4 I . 31.19 12.11 -3.94
O3 SO4 I . 31.29 14.31 -3.07
O4 SO4 I . 32.45 12.55 -1.96
S SO4 J . 26.87 10.09 -4.38
O1 SO4 J . 26.12 9.74 -3.18
O2 SO4 J . 28.01 10.93 -4.01
O3 SO4 J . 27.34 8.87 -5.04
O4 SO4 J . 26.00 10.82 -5.31
C4 3J8 K . 1.34 -8.40 -9.86
C5 3J8 K . 1.33 -9.88 -9.84
C6 3J8 K . 1.05 -10.49 -8.54
C10 3J8 K . 1.39 -5.66 -9.92
C13 3J8 K . 1.69 -3.68 -11.29
C15 3J8 K . 1.90 -5.90 -12.39
C1 3J8 K . 0.81 -9.72 -7.41
C2 3J8 K . 0.84 -8.32 -7.43
C3 3J8 K . 1.10 -7.65 -8.65
N7 3J8 K . 1.13 -6.29 -8.73
N8 3J8 K . 1.58 -7.80 -10.99
C9 3J8 K . 1.62 -6.50 -11.07
C11 3J8 K . 1.42 -4.26 -10.04
C14 3J8 K . 1.93 -4.43 -12.42
C16 3J8 K . 0.89 -5.49 -7.52
O19 3J8 K . 1.52 -10.56 -10.81
H11 3J8 K . 1.26 -3.60 -9.20
H1 3J8 K . 0.61 -10.21 -6.48
H2 3J8 K . 0.65 -7.80 -6.52
H6 3J8 K . 1.02 -11.56 -8.50
H13 3J8 K . 1.72 -2.60 -11.35
H14 3J8 K . 2.13 -3.96 -13.36
H16 3J8 K . 1.82 -5.33 -6.98
H16A 3J8 K . 0.46 -4.54 -7.80
H16B 3J8 K . 0.17 -5.99 -6.89
H15 3J8 K . 2.08 -6.49 -13.27
C1 GOL L . 8.25 -6.81 -7.97
O1 GOL L . 8.23 -8.20 -7.75
C2 GOL L . 9.41 -6.19 -8.00
O2 GOL L . 10.59 -6.92 -7.80
C3 GOL L . 9.48 -4.95 -8.46
O3 GOL L . 8.75 -3.93 -7.84
#